data_7BVA
#
_entry.id   7BVA
#
_cell.length_a   65.300
_cell.length_b   76.703
_cell.length_c   103.962
_cell.angle_alpha   90.000
_cell.angle_beta   105.990
_cell.angle_gamma   90.000
#
_symmetry.space_group_name_H-M   'P 1 21 1'
#
loop_
_entity.id
_entity.type
_entity.pdbx_description
1 polymer 'UDP-N-acetylmuramate--L-alanine ligase'
2 non-polymer 'ZINC ION'
3 water water
#
_entity_poly.entity_id   1
_entity_poly.type   'polypeptide(L)'
_entity_poly.pdbx_seq_one_letter_code
;MSYYHHHHHHDYDIPTTENLYFQGHMSTEQLPPDLRRVHMVGIGGAGMSGIARILLDRGGLVSGSDAKESRGVHALRARG
ALIRIGHDASSLDLLPGGATAVVTTHAAIPKTNPELVEARRRGIPVVLRPAVLAKLMAGRTTLMVTGTHGKTTTTSMLIV
ALQHCGLDPSFAVGGELGEAGTNAHHGSGDCFVAEADESDGSLLQYTPHVAVITNIESDHLDFYGSVEAYVAVFDSFVER
IVPGGALVVCTDDPGGAALAQRATELGIRVLRYGSVPGETMAATLVSWQQQGVGAVAHIRLASELATAQGPRVMRLSVPG
RHMALNALGALLAAVQIGAPADEVLDGLAGFEGVRRRFELVGTCGVGKASVRVFDDYAHHPTEISATLAAARMVLEQGDG
GRCMVVFQPHLYSRTKAFAAEFGRALNAADEVFVLDVYGAREQPLAGVSGASVAEHVTVPMRYVPDFSAVAQQVAAAASP
GDVIVTMGAGDVTLLGPEILTALRVRANRSAPGRPGVLG
;
_entity_poly.pdbx_strand_id   A,B
#
# COMPACT_ATOMS: atom_id res chain seq x y z
N GLU A 29 0.94 -10.76 -19.71
CA GLU A 29 -0.35 -10.86 -20.38
C GLU A 29 -1.25 -11.92 -19.73
N GLN A 30 -0.63 -12.83 -18.98
CA GLN A 30 -1.36 -13.97 -18.44
C GLN A 30 -0.55 -14.60 -17.31
N LEU A 31 -1.27 -15.23 -16.38
CA LEU A 31 -0.62 -16.13 -15.44
C LEU A 31 -0.40 -17.49 -16.10
N PRO A 32 0.74 -18.13 -15.86
CA PRO A 32 0.93 -19.50 -16.33
C PRO A 32 -0.11 -20.42 -15.72
N PRO A 33 -0.44 -21.53 -16.39
CA PRO A 33 -1.55 -22.37 -15.91
C PRO A 33 -1.41 -22.87 -14.48
N ASP A 34 -0.18 -23.11 -14.02
CA ASP A 34 0.05 -23.62 -12.67
C ASP A 34 -0.20 -22.59 -11.58
N LEU A 35 -0.33 -21.31 -11.93
CA LEU A 35 -0.51 -20.25 -10.94
C LEU A 35 -1.92 -19.68 -10.96
N ARG A 36 -2.88 -20.39 -11.55
CA ARG A 36 -4.23 -19.83 -11.65
C ARG A 36 -5.02 -20.00 -10.35
N ARG A 37 -4.82 -21.11 -9.64
CA ARG A 37 -5.54 -21.37 -8.39
C ARG A 37 -4.52 -21.91 -7.40
N VAL A 38 -3.98 -21.00 -6.60
CA VAL A 38 -2.79 -21.25 -5.78
C VAL A 38 -3.19 -21.31 -4.32
N HIS A 39 -2.74 -22.35 -3.62
CA HIS A 39 -2.91 -22.48 -2.18
C HIS A 39 -1.57 -22.29 -1.50
N MET A 40 -1.52 -21.37 -0.53
CA MET A 40 -0.25 -20.96 0.09
C MET A 40 -0.21 -21.41 1.55
N VAL A 41 0.73 -22.29 1.87
CA VAL A 41 0.94 -22.75 3.23
C VAL A 41 1.88 -21.78 3.94
N GLY A 42 1.38 -21.15 5.00
CA GLY A 42 2.14 -20.12 5.69
C GLY A 42 1.95 -18.76 5.05
N ILE A 43 0.72 -18.48 4.60
CA ILE A 43 0.43 -17.26 3.86
C ILE A 43 0.55 -16.00 4.71
N GLY A 44 0.62 -16.14 6.03
CA GLY A 44 0.72 -14.99 6.90
C GLY A 44 2.07 -14.30 6.88
N GLY A 45 3.12 -14.98 6.43
CA GLY A 45 4.42 -14.35 6.31
C GLY A 45 4.39 -13.21 5.31
N ALA A 46 5.24 -12.20 5.57
CA ALA A 46 5.18 -10.97 4.80
C ALA A 46 5.52 -11.20 3.32
N GLY A 47 6.53 -12.03 3.05
CA GLY A 47 6.86 -12.33 1.66
C GLY A 47 5.75 -13.12 0.96
N MET A 48 5.26 -14.17 1.62
CA MET A 48 4.14 -14.93 1.07
C MET A 48 2.92 -14.05 0.87
N SER A 49 2.66 -13.13 1.80
CA SER A 49 1.52 -12.22 1.66
C SER A 49 1.68 -11.31 0.45
N GLY A 50 2.89 -10.79 0.22
CA GLY A 50 3.10 -9.97 -0.96
C GLY A 50 2.90 -10.74 -2.25
N ILE A 51 3.40 -11.98 -2.29
CA ILE A 51 3.17 -12.82 -3.47
C ILE A 51 1.68 -13.05 -3.69
N ALA A 52 0.94 -13.34 -2.61
CA ALA A 52 -0.50 -13.55 -2.74
C ALA A 52 -1.19 -12.29 -3.25
N ARG A 53 -0.76 -11.12 -2.78
CA ARG A 53 -1.33 -9.86 -3.26
C ARG A 53 -1.12 -9.70 -4.76
N ILE A 54 0.10 -9.95 -5.23
CA ILE A 54 0.36 -9.84 -6.67
C ILE A 54 -0.48 -10.85 -7.45
N LEU A 55 -0.54 -12.10 -6.96
CA LEU A 55 -1.36 -13.12 -7.61
C LEU A 55 -2.80 -12.65 -7.77
N LEU A 56 -3.38 -12.10 -6.69
CA LEU A 56 -4.76 -11.62 -6.73
C LEU A 56 -4.91 -10.45 -7.70
N ASP A 57 -3.95 -9.53 -7.71
CA ASP A 57 -4.07 -8.34 -8.57
C ASP A 57 -3.95 -8.70 -10.05
N ARG A 58 -3.43 -9.88 -10.38
CA ARG A 58 -3.33 -10.32 -11.76
C ARG A 58 -4.37 -11.39 -12.10
N GLY A 59 -5.47 -11.42 -11.37
CA GLY A 59 -6.58 -12.31 -11.70
C GLY A 59 -6.47 -13.71 -11.18
N GLY A 60 -5.55 -13.98 -10.26
CA GLY A 60 -5.44 -15.32 -9.71
C GLY A 60 -6.42 -15.56 -8.57
N LEU A 61 -6.73 -16.83 -8.36
CA LEU A 61 -7.48 -17.28 -7.19
C LEU A 61 -6.49 -17.79 -6.16
N VAL A 62 -6.66 -17.36 -4.90
CA VAL A 62 -5.71 -17.67 -3.85
C VAL A 62 -6.46 -18.19 -2.63
N SER A 63 -6.01 -19.33 -2.12
CA SER A 63 -6.37 -19.82 -0.80
C SER A 63 -5.09 -19.97 0.02
N GLY A 64 -5.23 -20.23 1.30
CA GLY A 64 -4.04 -20.30 2.12
C GLY A 64 -4.33 -20.82 3.51
N SER A 65 -3.25 -20.97 4.27
CA SER A 65 -3.31 -21.43 5.65
C SER A 65 -2.16 -20.81 6.41
N ASP A 66 -2.37 -20.56 7.69
CA ASP A 66 -1.31 -20.03 8.53
C ASP A 66 -1.50 -20.53 9.96
N ALA A 67 -0.39 -20.53 10.70
CA ALA A 67 -0.42 -20.98 12.08
C ALA A 67 -1.14 -19.99 12.98
N LYS A 68 -0.90 -18.70 12.78
CA LYS A 68 -1.44 -17.66 13.64
C LYS A 68 -2.15 -16.60 12.79
N GLU A 69 -3.31 -16.15 13.26
CA GLU A 69 -4.00 -15.07 12.60
C GLU A 69 -3.23 -13.77 12.81
N SER A 70 -3.29 -12.89 11.81
CA SER A 70 -2.54 -11.64 11.86
C SER A 70 -3.23 -10.63 10.95
N ARG A 71 -2.68 -9.41 10.95
CA ARG A 71 -3.27 -8.33 10.15
C ARG A 71 -3.13 -8.61 8.66
N GLY A 72 -2.02 -9.24 8.26
CA GLY A 72 -1.86 -9.62 6.86
C GLY A 72 -2.90 -10.64 6.41
N VAL A 73 -3.19 -11.62 7.28
CA VAL A 73 -4.24 -12.58 6.98
C VAL A 73 -5.58 -11.87 6.81
N HIS A 74 -5.87 -10.92 7.69
CA HIS A 74 -7.13 -10.18 7.60
C HIS A 74 -7.22 -9.41 6.29
N ALA A 75 -6.14 -8.69 5.94
CA ALA A 75 -6.13 -7.95 4.68
C ALA A 75 -6.31 -8.86 3.48
N LEU A 76 -5.63 -10.00 3.47
CA LEU A 76 -5.76 -10.92 2.33
C LEU A 76 -7.16 -11.53 2.27
N ARG A 77 -7.75 -11.85 3.42
CA ARG A 77 -9.14 -12.29 3.45
C ARG A 77 -10.05 -11.22 2.87
N ALA A 78 -9.80 -9.95 3.20
CA ALA A 78 -10.64 -8.86 2.71
C ALA A 78 -10.57 -8.72 1.20
N ARG A 79 -9.46 -9.14 0.58
CA ARG A 79 -9.31 -9.09 -0.87
C ARG A 79 -9.79 -10.36 -1.56
N GLY A 80 -10.42 -11.27 -0.83
CA GLY A 80 -11.04 -12.45 -1.43
C GLY A 80 -10.31 -13.76 -1.23
N ALA A 81 -9.18 -13.77 -0.52
CA ALA A 81 -8.48 -15.01 -0.27
C ALA A 81 -9.19 -15.82 0.81
N LEU A 82 -9.33 -17.12 0.57
CA LEU A 82 -9.90 -18.05 1.54
C LEU A 82 -8.75 -18.60 2.37
N ILE A 83 -8.60 -18.11 3.60
CA ILE A 83 -7.48 -18.44 4.45
C ILE A 83 -8.00 -19.12 5.71
N ARG A 84 -7.50 -20.32 5.98
CA ARG A 84 -7.79 -21.05 7.20
C ARG A 84 -6.64 -20.87 8.18
N ILE A 85 -6.97 -20.74 9.47
CA ILE A 85 -5.96 -20.66 10.51
C ILE A 85 -5.65 -22.09 10.97
N GLY A 86 -4.37 -22.40 11.09
CA GLY A 86 -3.94 -23.75 11.36
C GLY A 86 -3.88 -24.58 10.09
N HIS A 87 -2.94 -25.51 10.03
CA HIS A 87 -2.72 -26.30 8.82
C HIS A 87 -3.52 -27.60 8.90
N ASP A 88 -4.22 -27.93 7.81
CA ASP A 88 -5.05 -29.11 7.75
C ASP A 88 -5.30 -29.45 6.29
N ALA A 89 -5.43 -30.76 6.01
CA ALA A 89 -5.57 -31.23 4.63
C ALA A 89 -6.80 -30.64 3.94
N SER A 90 -7.89 -30.44 4.69
CA SER A 90 -9.12 -29.90 4.09
C SER A 90 -8.90 -28.56 3.41
N SER A 91 -7.86 -27.81 3.80
CA SER A 91 -7.57 -26.54 3.13
C SER A 91 -7.37 -26.70 1.63
N LEU A 92 -7.13 -27.91 1.14
CA LEU A 92 -6.92 -28.07 -0.29
C LEU A 92 -8.24 -28.17 -1.07
N ASP A 93 -9.38 -28.14 -0.39
CA ASP A 93 -10.67 -28.12 -1.06
C ASP A 93 -11.25 -26.72 -1.19
N LEU A 94 -10.54 -25.70 -0.70
CA LEU A 94 -11.07 -24.35 -0.68
C LEU A 94 -11.22 -23.78 -2.09
N LEU A 95 -10.30 -24.11 -2.99
CA LEU A 95 -10.38 -23.48 -4.30
C LEU A 95 -11.27 -24.30 -5.24
N PRO A 96 -12.03 -23.63 -6.09
CA PRO A 96 -12.89 -24.35 -7.05
C PRO A 96 -12.04 -25.15 -8.03
N GLY A 97 -12.39 -26.42 -8.21
CA GLY A 97 -11.62 -27.30 -9.05
C GLY A 97 -10.31 -27.76 -8.46
N GLY A 98 -10.00 -27.39 -7.22
CA GLY A 98 -8.75 -27.77 -6.61
C GLY A 98 -7.62 -26.82 -6.98
N ALA A 99 -6.57 -26.85 -6.17
CA ALA A 99 -5.42 -25.98 -6.38
C ALA A 99 -4.58 -26.47 -7.55
N THR A 100 -4.17 -25.53 -8.41
CA THR A 100 -3.20 -25.86 -9.44
C THR A 100 -1.78 -25.98 -8.88
N ALA A 101 -1.51 -25.33 -7.75
CA ALA A 101 -0.20 -25.41 -7.13
C ALA A 101 -0.31 -25.03 -5.66
N VAL A 102 0.58 -25.63 -4.86
CA VAL A 102 0.74 -25.29 -3.46
C VAL A 102 2.09 -24.61 -3.31
N VAL A 103 2.08 -23.43 -2.71
CA VAL A 103 3.27 -22.62 -2.50
C VAL A 103 3.63 -22.67 -1.03
N THR A 104 4.87 -23.06 -0.74
CA THR A 104 5.38 -23.07 0.62
C THR A 104 6.72 -22.34 0.63
N THR A 105 7.32 -22.26 1.81
CA THR A 105 8.70 -21.80 1.94
C THR A 105 9.41 -22.78 2.86
N HIS A 106 10.50 -23.37 2.36
CA HIS A 106 11.17 -24.45 3.09
C HIS A 106 11.74 -23.98 4.41
N ALA A 107 12.09 -22.70 4.52
CA ALA A 107 12.67 -22.20 5.76
C ALA A 107 11.67 -22.24 6.91
N ALA A 108 10.38 -22.06 6.63
CA ALA A 108 9.38 -21.90 7.66
C ALA A 108 8.50 -23.13 7.85
N ILE A 109 8.14 -23.83 6.78
CA ILE A 109 7.21 -24.95 6.84
C ILE A 109 7.98 -26.24 6.68
N PRO A 110 7.79 -27.23 7.55
CA PRO A 110 8.46 -28.52 7.37
C PRO A 110 7.79 -29.35 6.29
N LYS A 111 8.56 -30.29 5.73
CA LYS A 111 8.01 -31.21 4.75
C LYS A 111 6.92 -32.09 5.35
N THR A 112 6.92 -32.27 6.67
CA THR A 112 5.92 -33.07 7.37
C THR A 112 4.64 -32.30 7.67
N ASN A 113 4.47 -31.10 7.13
CA ASN A 113 3.23 -30.38 7.29
C ASN A 113 2.08 -31.16 6.66
N PRO A 114 0.90 -31.19 7.29
CA PRO A 114 -0.21 -31.98 6.74
C PRO A 114 -0.61 -31.58 5.34
N GLU A 115 -0.60 -30.28 5.04
CA GLU A 115 -1.08 -29.82 3.74
C GLU A 115 -0.10 -30.18 2.62
N LEU A 116 1.20 -30.13 2.90
CA LEU A 116 2.18 -30.59 1.91
C LEU A 116 2.02 -32.08 1.64
N VAL A 117 1.77 -32.86 2.70
CA VAL A 117 1.53 -34.29 2.53
C VAL A 117 0.31 -34.54 1.63
N GLU A 118 -0.79 -33.82 1.90
CA GLU A 118 -1.98 -33.97 1.08
C GLU A 118 -1.73 -33.54 -0.36
N ALA A 119 -0.95 -32.47 -0.55
CA ALA A 119 -0.62 -32.01 -1.90
C ALA A 119 0.16 -33.05 -2.67
N ARG A 120 1.20 -33.62 -2.04
CA ARG A 120 1.95 -34.69 -2.69
C ARG A 120 1.08 -35.92 -2.92
N ARG A 121 0.08 -36.14 -2.06
CA ARG A 121 -0.79 -37.30 -2.23
C ARG A 121 -1.69 -37.16 -3.44
N ARG A 122 -2.23 -35.96 -3.68
CA ARG A 122 -3.09 -35.78 -4.85
C ARG A 122 -2.31 -35.54 -6.13
N GLY A 123 -1.01 -35.28 -6.05
CA GLY A 123 -0.23 -34.92 -7.22
C GLY A 123 -0.27 -33.46 -7.58
N ILE A 124 -0.58 -32.57 -6.64
CA ILE A 124 -0.56 -31.14 -6.90
C ILE A 124 0.88 -30.64 -6.77
N PRO A 125 1.38 -29.85 -7.71
CA PRO A 125 2.75 -29.36 -7.61
C PRO A 125 2.98 -28.56 -6.34
N VAL A 126 4.15 -28.75 -5.74
CA VAL A 126 4.59 -27.98 -4.57
C VAL A 126 5.80 -27.16 -4.99
N VAL A 127 5.69 -25.85 -4.86
CA VAL A 127 6.74 -24.92 -5.28
C VAL A 127 7.13 -24.05 -4.09
N LEU A 128 8.32 -23.46 -4.20
CA LEU A 128 8.80 -22.48 -3.24
C LEU A 128 8.49 -21.07 -3.75
N ARG A 129 8.49 -20.13 -2.81
CA ARG A 129 8.20 -18.73 -3.13
C ARG A 129 9.07 -18.16 -4.26
N PRO A 130 10.38 -18.40 -4.33
CA PRO A 130 11.17 -17.77 -5.42
C PRO A 130 10.76 -18.22 -6.81
N ALA A 131 10.34 -19.48 -6.99
CA ALA A 131 9.88 -19.93 -8.29
C ALA A 131 8.62 -19.19 -8.73
N VAL A 132 7.68 -19.00 -7.80
CA VAL A 132 6.48 -18.22 -8.11
C VAL A 132 6.86 -16.80 -8.47
N LEU A 133 7.76 -16.19 -7.70
CA LEU A 133 8.18 -14.81 -8.00
C LEU A 133 8.82 -14.73 -9.38
N ALA A 134 9.63 -15.74 -9.74
CA ALA A 134 10.24 -15.77 -11.06
C ALA A 134 9.18 -15.83 -12.16
N LYS A 135 8.13 -16.63 -11.95
CA LYS A 135 7.05 -16.68 -12.94
C LYS A 135 6.32 -15.33 -13.01
N LEU A 136 6.17 -14.65 -11.88
CA LEU A 136 5.51 -13.35 -11.88
C LEU A 136 6.35 -12.28 -12.58
N MET A 137 7.68 -12.37 -12.49
CA MET A 137 8.55 -11.38 -13.12
C MET A 137 8.72 -11.61 -14.62
N ALA A 138 8.26 -12.73 -15.16
CA ALA A 138 8.50 -13.04 -16.57
C ALA A 138 7.81 -12.02 -17.47
N GLY A 139 8.52 -11.60 -18.51
CA GLY A 139 8.02 -10.61 -19.43
C GLY A 139 8.31 -9.17 -19.05
N ARG A 140 8.83 -8.93 -17.85
CA ARG A 140 9.25 -7.60 -17.43
C ARG A 140 10.76 -7.46 -17.52
N THR A 141 11.21 -6.20 -17.50
CA THR A 141 12.61 -5.89 -17.26
C THR A 141 12.88 -6.05 -15.78
N THR A 142 13.68 -7.05 -15.42
CA THR A 142 13.86 -7.44 -14.02
C THR A 142 15.17 -6.89 -13.48
N LEU A 143 15.07 -6.24 -12.32
CA LEU A 143 16.22 -5.72 -11.58
C LEU A 143 16.26 -6.42 -10.23
N MET A 144 17.23 -7.31 -10.06
CA MET A 144 17.37 -8.11 -8.85
C MET A 144 18.53 -7.56 -8.02
N VAL A 145 18.31 -7.44 -6.71
CA VAL A 145 19.33 -6.98 -5.78
C VAL A 145 19.65 -8.11 -4.83
N THR A 146 20.93 -8.47 -4.74
CA THR A 146 21.38 -9.51 -3.82
C THR A 146 22.69 -9.08 -3.19
N GLY A 147 23.21 -9.91 -2.29
CA GLY A 147 24.39 -9.58 -1.51
C GLY A 147 24.25 -10.07 -0.09
N THR A 148 25.33 -10.09 0.68
CA THR A 148 25.25 -10.59 2.05
C THR A 148 24.39 -9.69 2.93
N HIS A 149 24.56 -8.37 2.81
CA HIS A 149 23.70 -7.45 3.54
C HIS A 149 23.60 -6.13 2.78
N GLY A 150 22.57 -5.36 3.13
CA GLY A 150 22.25 -4.15 2.41
C GLY A 150 21.29 -4.33 1.25
N LYS A 151 20.64 -5.49 1.14
CA LYS A 151 19.76 -5.78 0.00
C LYS A 151 18.47 -4.99 0.09
N THR A 152 17.84 -4.99 1.27
CA THR A 152 16.55 -4.33 1.43
C THR A 152 16.66 -2.83 1.18
N THR A 153 17.69 -2.18 1.77
CA THR A 153 17.89 -0.75 1.59
C THR A 153 18.12 -0.42 0.12
N THR A 154 18.97 -1.18 -0.56
CA THR A 154 19.30 -0.89 -1.95
C THR A 154 18.10 -1.10 -2.87
N THR A 155 17.36 -2.20 -2.66
CA THR A 155 16.13 -2.43 -3.42
C THR A 155 15.12 -1.30 -3.18
N SER A 156 14.97 -0.87 -1.93
CA SER A 156 14.01 0.19 -1.63
C SER A 156 14.44 1.51 -2.25
N MET A 157 15.74 1.83 -2.20
CA MET A 157 16.26 3.01 -2.87
C MET A 157 15.94 2.99 -4.36
N LEU A 158 16.18 1.84 -5.00
CA LEU A 158 15.92 1.72 -6.43
C LEU A 158 14.44 1.92 -6.74
N ILE A 159 13.57 1.31 -5.94
CA ILE A 159 12.13 1.48 -6.14
C ILE A 159 11.73 2.94 -5.98
N VAL A 160 12.26 3.61 -4.96
CA VAL A 160 11.90 5.00 -4.72
C VAL A 160 12.43 5.90 -5.84
N ALA A 161 13.62 5.59 -6.35
CA ALA A 161 14.17 6.37 -7.46
C ALA A 161 13.32 6.20 -8.71
N LEU A 162 12.94 4.96 -9.03
CA LEU A 162 12.10 4.75 -10.21
C LEU A 162 10.76 5.43 -10.07
N GLN A 163 10.12 5.34 -8.90
CA GLN A 163 8.83 5.99 -8.73
C GLN A 163 8.96 7.51 -8.81
N HIS A 164 10.07 8.07 -8.30
CA HIS A 164 10.27 9.50 -8.43
C HIS A 164 10.36 9.94 -9.89
N CYS A 165 10.87 9.08 -10.76
CA CYS A 165 10.94 9.37 -12.20
C CYS A 165 9.63 9.11 -12.92
N GLY A 166 8.52 8.93 -12.19
CA GLY A 166 7.21 8.80 -12.80
C GLY A 166 6.81 7.40 -13.19
N LEU A 167 7.62 6.39 -12.87
CA LEU A 167 7.31 5.02 -13.25
C LEU A 167 6.51 4.32 -12.14
N ASP A 168 5.87 3.22 -12.51
CA ASP A 168 5.11 2.38 -11.58
C ASP A 168 5.58 0.94 -11.71
N PRO A 169 6.80 0.64 -11.28
CA PRO A 169 7.31 -0.72 -11.39
C PRO A 169 6.59 -1.66 -10.43
N SER A 170 6.49 -2.92 -10.84
CA SER A 170 6.18 -3.97 -9.88
C SER A 170 7.38 -4.19 -8.98
N PHE A 171 7.13 -4.68 -7.77
CA PHE A 171 8.27 -4.99 -6.93
C PHE A 171 7.90 -5.98 -5.84
N ALA A 172 8.95 -6.62 -5.30
CA ALA A 172 8.86 -7.46 -4.10
C ALA A 172 10.17 -7.25 -3.35
N VAL A 173 10.11 -6.47 -2.27
CA VAL A 173 11.29 -6.14 -1.47
C VAL A 173 11.13 -6.76 -0.10
N GLY A 174 12.25 -7.15 0.50
CA GLY A 174 12.23 -7.65 1.85
C GLY A 174 12.81 -9.05 1.99
N GLY A 175 13.13 -9.43 3.23
CA GLY A 175 13.73 -10.72 3.49
C GLY A 175 14.93 -10.66 4.40
N GLU A 176 15.93 -9.86 4.00
CA GLU A 176 17.17 -9.76 4.78
C GLU A 176 16.90 -9.29 6.21
N LEU A 177 15.96 -8.37 6.38
CA LEU A 177 15.63 -7.82 7.70
C LEU A 177 14.44 -8.51 8.33
N GLY A 178 14.16 -9.75 7.92
CA GLY A 178 12.94 -10.41 8.38
C GLY A 178 11.72 -9.74 7.79
N GLU A 179 10.73 -9.47 8.65
CA GLU A 179 9.52 -8.80 8.20
C GLU A 179 9.74 -7.33 7.90
N ALA A 180 10.79 -6.74 8.47
CA ALA A 180 11.03 -5.31 8.30
C ALA A 180 11.35 -4.99 6.84
N GLY A 181 10.70 -3.95 6.33
CA GLY A 181 10.91 -3.51 4.96
C GLY A 181 10.24 -4.35 3.90
N THR A 182 9.58 -5.45 4.26
CA THR A 182 8.99 -6.34 3.29
C THR A 182 7.70 -5.74 2.72
N ASN A 183 7.61 -5.71 1.40
CA ASN A 183 6.44 -5.15 0.71
C ASN A 183 6.44 -5.69 -0.71
N ALA A 184 5.27 -5.63 -1.33
CA ALA A 184 5.13 -6.08 -2.71
C ALA A 184 4.02 -5.30 -3.38
N HIS A 185 4.13 -5.16 -4.70
CA HIS A 185 3.22 -4.31 -5.45
C HIS A 185 3.18 -4.75 -6.90
N HIS A 186 1.97 -4.93 -7.42
CA HIS A 186 1.75 -5.13 -8.84
C HIS A 186 1.59 -3.75 -9.49
N GLY A 187 2.50 -3.39 -10.39
CA GLY A 187 2.49 -2.11 -11.03
C GLY A 187 2.14 -2.21 -12.51
N SER A 188 1.83 -1.05 -13.08
CA SER A 188 1.54 -0.96 -14.51
C SER A 188 2.81 -0.86 -15.35
N GLY A 189 3.95 -0.56 -14.75
CA GLY A 189 5.18 -0.41 -15.50
C GLY A 189 5.67 -1.70 -16.10
N ASP A 190 6.73 -1.58 -16.90
CA ASP A 190 7.38 -2.72 -17.53
C ASP A 190 8.54 -3.27 -16.70
N CYS A 191 8.85 -2.65 -15.56
CA CYS A 191 9.94 -3.07 -14.71
C CYS A 191 9.41 -3.87 -13.52
N PHE A 192 10.29 -4.73 -13.00
CA PHE A 192 10.02 -5.49 -11.79
C PHE A 192 11.31 -5.51 -10.97
N VAL A 193 11.26 -4.91 -9.77
CA VAL A 193 12.41 -4.81 -8.89
C VAL A 193 12.21 -5.80 -7.75
N ALA A 194 13.21 -6.64 -7.51
CA ALA A 194 13.07 -7.68 -6.50
C ALA A 194 14.36 -7.83 -5.70
N GLU A 195 14.21 -8.10 -4.41
CA GLU A 195 15.30 -8.53 -3.55
C GLU A 195 15.45 -10.03 -3.64
N ALA A 196 16.67 -10.49 -3.84
CA ALA A 196 16.96 -11.91 -4.04
C ALA A 196 17.73 -12.44 -2.83
N ASP A 197 17.17 -13.45 -2.17
CA ASP A 197 17.82 -14.04 -1.01
C ASP A 197 18.99 -14.92 -1.46
N GLU A 198 20.14 -14.73 -0.83
CA GLU A 198 21.33 -15.52 -1.13
C GLU A 198 21.69 -16.50 -0.02
N SER A 199 20.84 -16.63 1.00
CA SER A 199 21.12 -17.48 2.14
C SER A 199 20.49 -18.87 2.03
N ASP A 200 19.65 -19.11 1.03
CA ASP A 200 18.97 -20.38 0.88
C ASP A 200 18.99 -20.90 -0.55
N GLY A 201 19.81 -20.32 -1.42
CA GLY A 201 19.88 -20.74 -2.81
C GLY A 201 18.77 -20.24 -3.71
N SER A 202 17.93 -19.32 -3.23
CA SER A 202 16.86 -18.77 -4.06
C SER A 202 17.41 -18.07 -5.30
N LEU A 203 18.61 -17.49 -5.21
CA LEU A 203 19.23 -16.76 -6.31
C LEU A 203 19.06 -17.47 -7.65
N LEU A 204 19.26 -18.80 -7.66
CA LEU A 204 19.36 -19.53 -8.92
C LEU A 204 18.02 -19.74 -9.60
N GLN A 205 16.91 -19.35 -8.96
CA GLN A 205 15.60 -19.43 -9.58
C GLN A 205 15.31 -18.25 -10.50
N TYR A 206 16.11 -17.20 -10.47
CA TYR A 206 15.81 -15.95 -11.15
C TYR A 206 16.63 -15.79 -12.42
N THR A 207 16.11 -14.96 -13.33
CA THR A 207 16.77 -14.63 -14.59
C THR A 207 16.80 -13.11 -14.71
N PRO A 208 17.81 -12.47 -14.14
CA PRO A 208 17.83 -11.00 -14.10
C PRO A 208 18.25 -10.37 -15.43
N HIS A 209 17.63 -9.22 -15.74
CA HIS A 209 18.16 -8.33 -16.76
C HIS A 209 19.27 -7.45 -16.18
N VAL A 210 19.05 -6.91 -14.98
CA VAL A 210 20.07 -6.19 -14.25
C VAL A 210 20.20 -6.85 -12.88
N ALA A 211 21.43 -7.21 -12.51
CA ALA A 211 21.70 -7.80 -11.21
C ALA A 211 22.63 -6.87 -10.44
N VAL A 212 22.20 -6.48 -9.24
CA VAL A 212 22.98 -5.63 -8.34
C VAL A 212 23.48 -6.50 -7.21
N ILE A 213 24.75 -6.34 -6.85
CA ILE A 213 25.39 -7.14 -5.82
C ILE A 213 26.13 -6.20 -4.88
N THR A 214 25.63 -6.11 -3.64
CA THR A 214 26.13 -5.15 -2.66
C THR A 214 27.46 -5.58 -2.07
N ASN A 215 27.60 -6.87 -1.78
CA ASN A 215 28.83 -7.40 -1.18
C ASN A 215 28.69 -8.91 -1.08
N ILE A 216 29.82 -9.58 -0.88
CA ILE A 216 29.87 -11.02 -0.62
C ILE A 216 30.83 -11.23 0.55
N GLU A 217 30.28 -11.56 1.72
CA GLU A 217 31.08 -11.79 2.91
C GLU A 217 30.95 -13.23 3.36
N SER A 218 31.88 -13.65 4.23
CA SER A 218 31.95 -15.03 4.71
C SER A 218 30.93 -15.22 5.82
N ASP A 219 29.67 -15.32 5.42
CA ASP A 219 28.58 -15.57 6.35
C ASP A 219 27.40 -16.15 5.57
N HIS A 220 26.34 -16.47 6.30
CA HIS A 220 25.16 -17.13 5.74
C HIS A 220 25.50 -18.49 5.14
N LEU A 221 26.58 -19.11 5.60
CA LEU A 221 27.07 -20.38 5.07
C LEU A 221 26.30 -21.58 5.59
N ASP A 222 25.30 -21.37 6.44
CA ASP A 222 24.62 -22.49 7.08
C ASP A 222 23.92 -23.38 6.07
N PHE A 223 23.46 -22.81 4.95
CA PHE A 223 22.86 -23.59 3.88
C PHE A 223 23.89 -24.24 2.98
N TYR A 224 25.11 -23.72 2.96
CA TYR A 224 26.12 -24.11 1.97
C TYR A 224 27.26 -24.93 2.54
N GLY A 225 27.52 -24.84 3.84
CA GLY A 225 28.58 -25.61 4.48
C GLY A 225 29.99 -25.12 4.24
N SER A 226 30.21 -24.25 3.25
CA SER A 226 31.55 -23.79 2.96
C SER A 226 31.50 -22.42 2.30
N VAL A 227 32.55 -21.62 2.54
CA VAL A 227 32.69 -20.34 1.87
C VAL A 227 32.68 -20.51 0.35
N GLU A 228 33.27 -21.60 -0.13
CA GLU A 228 33.44 -21.79 -1.57
C GLU A 228 32.10 -21.96 -2.27
N ALA A 229 31.23 -22.82 -1.73
CA ALA A 229 29.92 -23.04 -2.35
C ALA A 229 29.06 -21.76 -2.29
N TYR A 230 29.12 -21.05 -1.16
CA TYR A 230 28.39 -19.79 -1.02
C TYR A 230 28.84 -18.77 -2.07
N VAL A 231 30.15 -18.59 -2.21
CA VAL A 231 30.65 -17.69 -3.25
C VAL A 231 30.27 -18.18 -4.64
N ALA A 232 30.19 -19.50 -4.83
CA ALA A 232 29.85 -20.05 -6.14
C ALA A 232 28.40 -19.75 -6.52
N VAL A 233 27.51 -19.66 -5.52
CA VAL A 233 26.13 -19.31 -5.83
C VAL A 233 26.05 -17.98 -6.59
N PHE A 234 26.94 -17.04 -6.25
CA PHE A 234 26.93 -15.74 -6.90
C PHE A 234 27.45 -15.82 -8.34
N ASP A 235 28.44 -16.69 -8.58
CA ASP A 235 28.92 -16.89 -9.95
C ASP A 235 27.84 -17.51 -10.83
N SER A 236 27.13 -18.52 -10.30
CA SER A 236 26.01 -19.09 -11.05
C SER A 236 24.95 -18.03 -11.34
N PHE A 237 24.63 -17.21 -10.33
CA PHE A 237 23.66 -16.14 -10.52
C PHE A 237 24.10 -15.18 -11.62
N VAL A 238 25.38 -14.80 -11.63
CA VAL A 238 25.88 -13.90 -12.66
C VAL A 238 25.76 -14.54 -14.03
N GLU A 239 25.99 -15.86 -14.10
CA GLU A 239 25.82 -16.56 -15.37
C GLU A 239 24.37 -16.57 -15.82
N ARG A 240 23.42 -16.47 -14.88
CA ARG A 240 22.01 -16.47 -15.26
C ARG A 240 21.52 -15.15 -15.86
N ILE A 241 22.36 -14.13 -15.95
CA ILE A 241 21.93 -12.84 -16.48
C ILE A 241 21.67 -12.98 -17.98
N VAL A 242 20.60 -12.33 -18.46
CA VAL A 242 20.21 -12.44 -19.87
C VAL A 242 21.30 -11.82 -20.74
N PRO A 243 21.46 -12.28 -21.98
CA PRO A 243 22.45 -11.66 -22.88
C PRO A 243 22.14 -10.19 -23.11
N GLY A 244 23.18 -9.36 -23.04
CA GLY A 244 23.01 -7.93 -23.09
C GLY A 244 22.61 -7.30 -21.77
N GLY A 245 22.54 -8.06 -20.68
CA GLY A 245 22.22 -7.52 -19.38
C GLY A 245 23.43 -6.85 -18.75
N ALA A 246 23.35 -6.64 -17.45
CA ALA A 246 24.40 -5.92 -16.74
C ALA A 246 24.42 -6.33 -15.27
N LEU A 247 25.63 -6.37 -14.72
CA LEU A 247 25.87 -6.61 -13.30
C LEU A 247 26.42 -5.33 -12.68
N VAL A 248 25.62 -4.68 -11.86
CA VAL A 248 26.08 -3.62 -10.98
C VAL A 248 26.65 -4.26 -9.73
N VAL A 249 27.87 -3.87 -9.35
CA VAL A 249 28.55 -4.57 -8.27
C VAL A 249 29.38 -3.58 -7.48
N CYS A 250 29.35 -3.73 -6.14
CA CYS A 250 30.23 -2.94 -5.28
C CYS A 250 31.62 -3.57 -5.26
N THR A 251 32.65 -2.77 -5.53
CA THR A 251 34.01 -3.28 -5.58
C THR A 251 34.85 -2.90 -4.36
N ASP A 252 34.32 -2.10 -3.44
CA ASP A 252 35.01 -1.91 -2.16
C ASP A 252 34.99 -3.20 -1.35
N ASP A 253 33.98 -4.03 -1.55
CA ASP A 253 33.92 -5.33 -0.91
C ASP A 253 34.84 -6.30 -1.64
N PRO A 254 35.68 -7.06 -0.92
CA PRO A 254 36.62 -7.97 -1.61
C PRO A 254 35.92 -9.01 -2.47
N GLY A 255 34.94 -9.72 -1.92
CA GLY A 255 34.19 -10.67 -2.71
C GLY A 255 33.54 -10.03 -3.92
N GLY A 256 33.00 -8.83 -3.75
CA GLY A 256 32.41 -8.12 -4.87
C GLY A 256 33.42 -7.79 -5.96
N ALA A 257 34.62 -7.35 -5.57
CA ALA A 257 35.63 -7.01 -6.56
C ALA A 257 36.08 -8.25 -7.33
N ALA A 258 36.33 -9.35 -6.61
CA ALA A 258 36.72 -10.60 -7.26
C ALA A 258 35.63 -11.08 -8.21
N LEU A 259 34.36 -11.02 -7.78
CA LEU A 259 33.26 -11.40 -8.65
C LEU A 259 33.14 -10.48 -9.85
N ALA A 260 33.42 -9.19 -9.69
CA ALA A 260 33.38 -8.27 -10.82
C ALA A 260 34.43 -8.65 -11.85
N GLN A 261 35.64 -8.98 -11.40
CA GLN A 261 36.66 -9.45 -12.34
C GLN A 261 36.21 -10.71 -13.06
N ARG A 262 35.74 -11.71 -12.30
CA ARG A 262 35.29 -12.97 -12.90
C ARG A 262 34.17 -12.72 -13.91
N ALA A 263 33.27 -11.77 -13.63
CA ALA A 263 32.18 -11.50 -14.54
C ALA A 263 32.66 -10.77 -15.78
N THR A 264 33.63 -9.86 -15.63
CA THR A 264 34.22 -9.21 -16.80
C THR A 264 34.87 -10.24 -17.71
N GLU A 265 35.47 -11.28 -17.14
CA GLU A 265 36.09 -12.31 -17.95
C GLU A 265 35.07 -13.25 -18.61
N LEU A 266 33.80 -13.21 -18.21
CA LEU A 266 32.75 -13.93 -18.90
C LEU A 266 32.14 -13.13 -20.04
N GLY A 267 32.62 -11.91 -20.28
CA GLY A 267 32.08 -11.06 -21.32
C GLY A 267 30.89 -10.21 -20.90
N ILE A 268 30.49 -10.27 -19.64
CA ILE A 268 29.27 -9.60 -19.18
C ILE A 268 29.56 -8.14 -18.86
N ARG A 269 28.62 -7.27 -19.20
CA ARG A 269 28.71 -5.87 -18.79
C ARG A 269 28.76 -5.75 -17.27
N VAL A 270 29.80 -5.07 -16.78
CA VAL A 270 30.03 -4.92 -15.34
C VAL A 270 30.11 -3.43 -15.03
N LEU A 271 29.15 -2.94 -14.24
CA LEU A 271 29.15 -1.58 -13.72
C LEU A 271 29.65 -1.62 -12.28
N ARG A 272 30.89 -1.22 -12.08
CA ARG A 272 31.49 -1.19 -10.75
C ARG A 272 31.18 0.11 -10.05
N TYR A 273 30.96 0.04 -8.74
CA TYR A 273 30.89 1.25 -7.93
C TYR A 273 31.68 1.05 -6.65
N GLY A 274 32.20 2.16 -6.12
CA GLY A 274 33.03 2.09 -4.93
C GLY A 274 33.75 3.40 -4.71
N SER A 275 34.81 3.33 -3.90
CA SER A 275 35.57 4.51 -3.50
C SER A 275 36.94 4.62 -4.14
N VAL A 276 37.46 3.54 -4.72
CA VAL A 276 38.77 3.60 -5.37
C VAL A 276 38.55 4.02 -6.82
N PRO A 277 39.22 5.06 -7.30
CA PRO A 277 39.07 5.46 -8.70
C PRO A 277 39.67 4.41 -9.62
N GLY A 278 39.21 4.42 -10.87
CA GLY A 278 39.70 3.45 -11.83
C GLY A 278 39.10 3.69 -13.21
N GLU A 279 39.80 3.18 -14.21
CA GLU A 279 39.32 3.28 -15.58
C GLU A 279 38.07 2.42 -15.81
N THR A 280 37.94 1.31 -15.08
CA THR A 280 36.83 0.38 -15.23
C THR A 280 35.73 0.62 -14.21
N MET A 281 35.65 1.83 -13.64
CA MET A 281 34.64 2.16 -12.65
C MET A 281 33.49 2.90 -13.31
N ALA A 282 32.26 2.45 -13.04
CA ALA A 282 31.10 3.14 -13.58
C ALA A 282 30.69 4.34 -12.73
N ALA A 283 30.86 4.24 -11.41
CA ALA A 283 30.53 5.32 -10.50
C ALA A 283 31.46 5.25 -9.29
N THR A 284 31.97 6.42 -8.88
CA THR A 284 32.98 6.50 -7.84
C THR A 284 32.52 7.44 -6.73
N LEU A 285 32.64 7.01 -5.48
CA LEU A 285 32.37 7.87 -4.34
C LEU A 285 33.64 8.65 -4.04
N VAL A 286 33.69 9.90 -4.48
CA VAL A 286 34.88 10.70 -4.28
C VAL A 286 34.95 11.24 -2.86
N SER A 287 33.83 11.73 -2.34
CA SER A 287 33.84 12.20 -0.95
C SER A 287 32.45 12.07 -0.36
N TRP A 288 32.40 12.09 0.98
CA TRP A 288 31.15 11.98 1.71
C TRP A 288 31.29 12.73 3.03
N GLN A 289 30.23 13.45 3.41
CA GLN A 289 30.21 14.21 4.65
C GLN A 289 28.81 14.15 5.26
N GLN A 290 28.76 14.08 6.58
CA GLN A 290 27.51 14.22 7.32
C GLN A 290 27.35 15.68 7.75
N GLN A 291 26.18 16.24 7.48
CA GLN A 291 25.85 17.60 7.87
C GLN A 291 24.61 17.60 8.77
N GLY A 292 24.16 18.79 9.14
CA GLY A 292 23.03 18.90 10.04
C GLY A 292 21.71 18.53 9.39
N VAL A 293 21.52 18.92 8.13
CA VAL A 293 20.29 18.58 7.42
C VAL A 293 20.32 17.15 6.89
N GLY A 294 21.50 16.65 6.55
CA GLY A 294 21.60 15.32 5.98
C GLY A 294 23.02 15.09 5.48
N ALA A 295 23.17 14.05 4.68
CA ALA A 295 24.48 13.70 4.15
C ALA A 295 24.64 14.23 2.74
N VAL A 296 25.88 14.51 2.36
CA VAL A 296 26.19 14.96 1.01
C VAL A 296 27.44 14.23 0.52
N ALA A 297 27.39 13.75 -0.71
CA ALA A 297 28.50 13.03 -1.32
C ALA A 297 28.85 13.68 -2.65
N HIS A 298 30.12 13.57 -3.02
CA HIS A 298 30.59 13.95 -4.35
C HIS A 298 31.00 12.69 -5.08
N ILE A 299 30.46 12.52 -6.29
CA ILE A 299 30.60 11.30 -7.08
C ILE A 299 31.00 11.65 -8.51
N ARG A 300 31.67 10.70 -9.16
CA ARG A 300 32.02 10.80 -10.57
C ARG A 300 31.36 9.63 -11.30
N LEU A 301 30.60 9.93 -12.35
CA LEU A 301 30.02 8.92 -13.20
C LEU A 301 30.87 8.73 -14.44
N ALA A 302 30.93 7.49 -14.92
CA ALA A 302 31.57 7.22 -16.19
C ALA A 302 30.92 8.04 -17.29
N SER A 303 31.74 8.51 -18.24
CA SER A 303 31.25 9.44 -19.25
C SER A 303 30.17 8.82 -20.12
N GLU A 304 30.19 7.49 -20.27
CA GLU A 304 29.15 6.83 -21.05
C GLU A 304 27.76 7.07 -20.47
N LEU A 305 27.66 6.98 -19.15
CA LEU A 305 26.41 7.23 -18.46
C LEU A 305 26.25 8.72 -18.32
N ALA A 306 25.04 9.23 -18.39
CA ALA A 306 24.80 10.66 -18.22
C ALA A 306 25.58 11.66 -19.08
N THR A 307 26.04 12.74 -18.43
CA THR A 307 26.81 13.78 -19.09
C THR A 307 28.20 14.03 -18.61
N ALA A 308 28.89 14.77 -19.47
CA ALA A 308 30.28 15.16 -19.38
C ALA A 308 30.55 15.99 -18.17
N GLN A 309 29.56 16.66 -17.63
CA GLN A 309 29.93 17.36 -16.40
C GLN A 309 30.46 16.36 -15.39
N GLY A 310 31.66 16.64 -14.88
CA GLY A 310 32.39 15.67 -14.11
C GLY A 310 31.78 15.37 -12.76
N PRO A 311 31.94 16.28 -11.80
CA PRO A 311 31.57 15.96 -10.41
C PRO A 311 30.13 16.27 -10.09
N ARG A 312 29.37 15.26 -9.67
CA ARG A 312 28.00 15.44 -9.24
C ARG A 312 27.90 15.39 -7.72
N VAL A 313 26.96 16.15 -7.18
CA VAL A 313 26.65 16.14 -5.76
C VAL A 313 25.39 15.31 -5.56
N MET A 314 25.48 14.32 -4.66
CA MET A 314 24.38 13.44 -4.30
C MET A 314 24.05 13.67 -2.84
N ARG A 315 22.91 14.26 -2.55
CA ARG A 315 22.49 14.43 -1.18
C ARG A 315 21.58 13.29 -0.76
N LEU A 316 21.64 12.96 0.52
CA LEU A 316 20.84 11.88 1.08
C LEU A 316 20.25 12.33 2.42
N SER A 317 19.06 11.81 2.72
CA SER A 317 18.43 12.04 4.01
C SER A 317 18.80 10.99 5.05
N VAL A 318 19.48 9.92 4.65
CA VAL A 318 19.90 8.86 5.57
C VAL A 318 21.36 9.07 5.96
N PRO A 319 21.74 8.76 7.19
CA PRO A 319 23.14 8.91 7.60
C PRO A 319 23.99 7.71 7.19
N GLY A 320 25.29 7.94 7.15
CA GLY A 320 26.24 6.87 6.90
C GLY A 320 26.82 6.84 5.51
N ARG A 321 28.14 6.63 5.43
CA ARG A 321 28.83 6.56 4.15
C ARG A 321 28.42 5.32 3.34
N HIS A 322 28.20 4.20 4.04
CA HIS A 322 27.76 2.97 3.38
C HIS A 322 26.42 3.16 2.69
N MET A 323 25.57 4.04 3.22
CA MET A 323 24.32 4.35 2.53
C MET A 323 24.59 5.05 1.20
N ALA A 324 25.61 5.91 1.14
CA ALA A 324 25.97 6.53 -0.13
C ALA A 324 26.42 5.48 -1.14
N LEU A 325 27.19 4.47 -0.68
CA LEU A 325 27.56 3.38 -1.59
C LEU A 325 26.33 2.62 -2.10
N ASN A 326 25.42 2.26 -1.20
CA ASN A 326 24.17 1.63 -1.62
C ASN A 326 23.44 2.47 -2.66
N ALA A 327 23.38 3.79 -2.43
CA ALA A 327 22.69 4.69 -3.35
C ALA A 327 23.36 4.69 -4.72
N LEU A 328 24.69 4.58 -4.76
CA LEU A 328 25.39 4.45 -6.04
C LEU A 328 24.94 3.20 -6.77
N GLY A 329 24.83 2.09 -6.05
CA GLY A 329 24.34 0.86 -6.69
C GLY A 329 22.96 1.04 -7.30
N ALA A 330 22.04 1.63 -6.53
CA ALA A 330 20.69 1.83 -7.04
C ALA A 330 20.68 2.79 -8.23
N LEU A 331 21.54 3.81 -8.18
CA LEU A 331 21.62 4.77 -9.28
C LEU A 331 22.06 4.10 -10.57
N LEU A 332 23.10 3.28 -10.50
CA LEU A 332 23.58 2.60 -11.71
C LEU A 332 22.52 1.66 -12.26
N ALA A 333 21.87 0.90 -11.37
CA ALA A 333 20.78 0.03 -11.83
C ALA A 333 19.70 0.82 -12.54
N ALA A 334 19.30 1.97 -11.97
CA ALA A 334 18.24 2.76 -12.57
C ALA A 334 18.65 3.32 -13.92
N VAL A 335 19.90 3.80 -14.03
CA VAL A 335 20.37 4.36 -15.31
C VAL A 335 20.41 3.29 -16.38
N GLN A 336 20.69 2.04 -15.99
CA GLN A 336 20.79 0.96 -16.98
C GLN A 336 19.49 0.76 -17.77
N ILE A 337 18.33 1.07 -17.17
CA ILE A 337 17.07 0.87 -17.86
C ILE A 337 16.55 2.16 -18.50
N GLY A 338 17.34 3.23 -18.45
CA GLY A 338 17.01 4.43 -19.19
C GLY A 338 16.55 5.61 -18.37
N ALA A 339 16.66 5.57 -17.06
CA ALA A 339 16.26 6.72 -16.28
C ALA A 339 17.39 7.76 -16.27
N PRO A 340 17.07 9.05 -16.32
CA PRO A 340 18.12 10.08 -16.29
C PRO A 340 18.81 10.13 -14.93
N ALA A 341 20.13 10.26 -14.95
CA ALA A 341 20.92 10.18 -13.73
C ALA A 341 20.57 11.30 -12.75
N ASP A 342 20.38 12.51 -13.26
CA ASP A 342 20.12 13.65 -12.38
C ASP A 342 18.77 13.51 -11.67
N GLU A 343 17.75 13.05 -12.39
CA GLU A 343 16.45 12.83 -11.76
C GLU A 343 16.49 11.65 -10.80
N VAL A 344 17.30 10.62 -11.10
CA VAL A 344 17.47 9.52 -10.15
C VAL A 344 18.12 10.01 -8.87
N LEU A 345 19.12 10.90 -9.00
CA LEU A 345 19.74 11.48 -7.81
C LEU A 345 18.73 12.29 -7.00
N ASP A 346 17.88 13.06 -7.69
CA ASP A 346 16.80 13.76 -6.99
C ASP A 346 15.92 12.78 -6.22
N GLY A 347 15.60 11.64 -6.84
CA GLY A 347 14.76 10.65 -6.16
C GLY A 347 15.45 9.99 -4.99
N LEU A 348 16.76 9.75 -5.10
CA LEU A 348 17.51 9.16 -4.00
C LEU A 348 17.63 10.12 -2.83
N ALA A 349 17.67 11.43 -3.12
CA ALA A 349 17.74 12.42 -2.04
C ALA A 349 16.54 12.31 -1.10
N GLY A 350 15.38 11.89 -1.61
CA GLY A 350 14.20 11.78 -0.79
C GLY A 350 13.99 10.44 -0.10
N PHE A 351 14.90 9.49 -0.29
CA PHE A 351 14.79 8.20 0.38
C PHE A 351 15.00 8.38 1.88
N GLU A 352 14.09 7.80 2.67
CA GLU A 352 14.03 8.04 4.11
C GLU A 352 14.51 6.88 4.96
N GLY A 353 14.85 5.74 4.35
CA GLY A 353 15.29 4.58 5.11
C GLY A 353 14.15 3.59 5.35
N VAL A 354 14.53 2.35 5.61
CA VAL A 354 13.57 1.29 5.88
C VAL A 354 13.57 1.00 7.38
N ARG A 355 12.60 0.21 7.82
CA ARG A 355 12.54 -0.19 9.22
C ARG A 355 13.79 -0.96 9.60
N ARG A 356 14.29 -0.69 10.81
CA ARG A 356 15.43 -1.38 11.41
C ARG A 356 16.74 -1.14 10.65
N ARG A 357 16.85 0.01 9.99
CA ARG A 357 18.10 0.46 9.36
C ARG A 357 18.38 1.87 9.88
N PHE A 358 19.07 1.94 11.02
CA PHE A 358 19.29 3.20 11.75
C PHE A 358 17.99 4.01 11.79
N GLU A 359 16.93 3.36 12.22
CA GLU A 359 15.60 3.93 12.24
C GLU A 359 15.39 4.67 13.55
N LEU A 360 15.04 5.95 13.48
CA LEU A 360 14.77 6.75 14.67
C LEU A 360 13.52 6.22 15.36
N VAL A 361 13.70 5.62 16.53
CA VAL A 361 12.55 5.18 17.30
C VAL A 361 11.92 6.35 18.04
N GLY A 362 12.74 7.24 18.60
CA GLY A 362 12.12 8.35 19.30
C GLY A 362 13.12 9.29 19.92
N THR A 363 12.58 10.31 20.57
CA THR A 363 13.36 11.40 21.15
C THR A 363 12.79 11.76 22.52
N CYS A 364 13.69 11.97 23.48
CA CYS A 364 13.35 12.50 24.79
C CYS A 364 13.99 13.87 24.92
N GLY A 365 13.18 14.88 25.21
CA GLY A 365 13.69 16.24 25.29
C GLY A 365 13.75 16.89 23.92
N VAL A 366 14.36 18.08 23.90
CA VAL A 366 14.38 18.91 22.70
C VAL A 366 15.78 19.46 22.47
N GLY A 367 16.13 19.60 21.20
CA GLY A 367 17.34 20.33 20.85
C GLY A 367 18.61 19.57 21.19
N LYS A 368 19.63 20.33 21.60
CA LYS A 368 20.96 19.76 21.83
C LYS A 368 20.99 18.84 23.04
N ALA A 369 20.07 19.00 23.98
CA ALA A 369 20.06 18.17 25.18
C ALA A 369 19.18 16.94 25.04
N SER A 370 18.55 16.73 23.88
CA SER A 370 17.67 15.59 23.67
C SER A 370 18.46 14.30 23.51
N VAL A 371 17.84 13.20 23.93
CA VAL A 371 18.38 11.85 23.76
C VAL A 371 17.58 11.16 22.67
N ARG A 372 18.26 10.67 21.65
CA ARG A 372 17.62 9.99 20.52
C ARG A 372 17.86 8.49 20.60
N VAL A 373 16.83 7.71 20.29
CA VAL A 373 16.88 6.26 20.32
C VAL A 373 16.60 5.74 18.91
N PHE A 374 17.54 4.95 18.40
CA PHE A 374 17.54 4.36 17.06
C PHE A 374 17.50 2.84 17.14
N ASP A 375 17.08 2.21 16.04
CA ASP A 375 16.94 0.76 15.93
C ASP A 375 17.67 0.29 14.68
N ASP A 376 18.48 -0.77 14.81
CA ASP A 376 19.21 -1.26 13.66
C ASP A 376 19.38 -2.77 13.73
N TYR A 377 19.35 -3.39 12.55
CA TYR A 377 19.35 -4.83 12.39
C TYR A 377 20.75 -5.43 12.35
N ALA A 378 21.80 -4.61 12.52
CA ALA A 378 23.17 -5.06 12.32
C ALA A 378 23.50 -6.29 13.15
N HIS A 379 24.05 -7.31 12.49
CA HIS A 379 24.45 -8.53 13.17
C HIS A 379 25.72 -9.17 12.61
N HIS A 380 26.27 -8.66 11.51
CA HIS A 380 27.59 -8.95 10.99
C HIS A 380 28.57 -7.87 11.44
N PRO A 381 29.81 -8.23 11.78
CA PRO A 381 30.77 -7.22 12.27
C PRO A 381 30.90 -5.99 11.39
N THR A 382 30.93 -6.18 10.07
CA THR A 382 30.97 -5.04 9.14
C THR A 382 29.75 -4.13 9.31
N GLU A 383 28.56 -4.72 9.42
CA GLU A 383 27.34 -3.95 9.67
C GLU A 383 27.44 -3.17 10.97
N ILE A 384 27.93 -3.82 12.02
CA ILE A 384 28.05 -3.15 13.32
C ILE A 384 28.96 -1.95 13.21
N SER A 385 30.11 -2.12 12.57
CA SER A 385 31.06 -1.02 12.42
C SER A 385 30.47 0.10 11.59
N ALA A 386 29.74 -0.23 10.53
CA ALA A 386 29.12 0.79 9.68
C ALA A 386 28.08 1.59 10.45
N THR A 387 27.22 0.88 11.19
CA THR A 387 26.19 1.57 11.97
C THR A 387 26.81 2.46 13.03
N LEU A 388 27.84 1.99 13.72
CA LEU A 388 28.46 2.81 14.75
C LEU A 388 29.21 3.99 14.15
N ALA A 389 29.80 3.84 12.97
CA ALA A 389 30.44 4.98 12.32
C ALA A 389 29.40 6.03 11.93
N ALA A 390 28.24 5.58 11.43
CA ALA A 390 27.16 6.53 11.12
C ALA A 390 26.70 7.24 12.37
N ALA A 391 26.56 6.51 13.48
CA ALA A 391 26.15 7.12 14.74
C ALA A 391 27.16 8.14 15.22
N ARG A 392 28.45 7.84 15.07
CA ARG A 392 29.49 8.78 15.49
C ARG A 392 29.47 10.05 14.64
N MET A 393 29.27 9.90 13.32
CA MET A 393 29.17 11.08 12.47
C MET A 393 27.94 11.92 12.82
N VAL A 394 26.83 11.28 13.18
CA VAL A 394 25.66 12.03 13.63
C VAL A 394 25.98 12.78 14.91
N LEU A 395 26.67 12.12 15.84
CA LEU A 395 27.09 12.77 17.08
C LEU A 395 27.95 14.00 16.80
N GLU A 396 28.81 13.91 15.79
CA GLU A 396 29.74 15.00 15.48
C GLU A 396 29.04 16.26 14.97
N GLN A 397 27.75 16.20 14.67
CA GLN A 397 27.00 17.42 14.35
C GLN A 397 26.43 18.08 15.59
N GLY A 398 26.38 17.37 16.72
CA GLY A 398 25.86 17.91 17.96
C GLY A 398 26.91 18.66 18.75
N ASP A 399 26.78 18.63 20.07
CA ASP A 399 27.65 19.40 20.95
C ASP A 399 28.11 18.56 22.14
N GLY A 400 28.44 17.29 21.90
CA GLY A 400 29.16 16.52 22.91
C GLY A 400 28.45 15.31 23.50
N GLY A 401 27.57 14.67 22.73
CA GLY A 401 26.88 13.49 23.21
C GLY A 401 27.74 12.24 23.17
N ARG A 402 27.17 11.15 23.68
CA ARG A 402 27.84 9.85 23.73
C ARG A 402 27.06 8.83 22.90
N CYS A 403 27.77 7.82 22.41
CA CYS A 403 27.16 6.72 21.68
C CYS A 403 27.04 5.52 22.59
N MET A 404 25.81 5.12 22.89
CA MET A 404 25.52 3.93 23.67
C MET A 404 24.83 2.92 22.77
N VAL A 405 25.39 1.71 22.69
CA VAL A 405 24.84 0.64 21.87
C VAL A 405 24.30 -0.45 22.79
N VAL A 406 23.16 -1.01 22.43
CA VAL A 406 22.56 -2.16 23.10
C VAL A 406 22.55 -3.28 22.07
N PHE A 407 23.47 -4.23 22.21
CA PHE A 407 23.72 -5.23 21.18
C PHE A 407 23.26 -6.60 21.65
N GLN A 408 22.48 -7.27 20.80
CA GLN A 408 22.01 -8.64 21.06
C GLN A 408 22.63 -9.58 20.03
N PRO A 409 23.55 -10.47 20.42
CA PRO A 409 24.09 -11.45 19.47
C PRO A 409 23.00 -12.33 18.90
N HIS A 410 23.19 -12.77 17.65
CA HIS A 410 22.08 -13.32 16.88
C HIS A 410 21.98 -14.83 16.88
N LEU A 411 23.09 -15.57 16.96
CA LEU A 411 23.00 -17.03 16.96
C LEU A 411 24.13 -17.60 17.81
N TYR A 412 23.88 -18.78 18.39
CA TYR A 412 24.91 -19.47 19.16
C TYR A 412 26.13 -19.76 18.31
N SER A 413 25.92 -20.35 17.12
CA SER A 413 27.04 -20.67 16.24
C SER A 413 27.77 -19.41 15.78
N ARG A 414 27.00 -18.39 15.37
CA ARG A 414 27.61 -17.12 14.98
C ARG A 414 28.41 -16.53 16.12
N THR A 415 27.85 -16.55 17.34
CA THR A 415 28.55 -15.97 18.48
C THR A 415 29.85 -16.73 18.75
N LYS A 416 29.78 -18.07 18.78
CA LYS A 416 30.98 -18.86 19.06
C LYS A 416 32.05 -18.59 18.01
N ALA A 417 31.66 -18.45 16.74
CA ALA A 417 32.66 -18.20 15.71
C ALA A 417 33.21 -16.78 15.76
N PHE A 418 32.34 -15.79 15.98
CA PHE A 418 32.66 -14.40 15.69
C PHE A 418 32.80 -13.51 16.93
N ALA A 419 32.79 -14.07 18.15
CA ALA A 419 32.74 -13.23 19.36
C ALA A 419 33.82 -12.15 19.39
N ALA A 420 35.06 -12.52 19.03
CA ALA A 420 36.13 -11.54 19.04
C ALA A 420 35.86 -10.39 18.09
N GLU A 421 35.38 -10.71 16.88
CA GLU A 421 35.10 -9.68 15.88
C GLU A 421 33.91 -8.82 16.29
N PHE A 422 32.89 -9.42 16.90
CA PHE A 422 31.77 -8.67 17.44
C PHE A 422 32.25 -7.65 18.47
N GLY A 423 33.03 -8.08 19.45
CA GLY A 423 33.53 -7.15 20.46
C GLY A 423 34.42 -6.07 19.87
N ARG A 424 35.29 -6.43 18.93
CA ARG A 424 36.12 -5.45 18.25
C ARG A 424 35.26 -4.40 17.55
N ALA A 425 34.19 -4.82 16.88
CA ALA A 425 33.31 -3.87 16.22
C ALA A 425 32.58 -2.99 17.21
N LEU A 426 32.15 -3.56 18.34
CA LEU A 426 31.45 -2.79 19.35
C LEU A 426 32.35 -1.77 20.03
N ASN A 427 33.67 -1.97 20.01
CA ASN A 427 34.57 -0.99 20.61
C ASN A 427 34.45 0.42 20.02
N ALA A 428 33.79 0.57 18.86
CA ALA A 428 33.60 1.90 18.29
C ALA A 428 32.63 2.76 19.10
N ALA A 429 31.88 2.18 20.03
CA ALA A 429 30.90 2.92 20.81
C ALA A 429 31.54 3.48 22.08
N ASP A 430 30.82 4.40 22.72
CA ASP A 430 31.29 4.97 23.98
C ASP A 430 30.86 4.11 25.15
N GLU A 431 29.67 3.52 25.08
CA GLU A 431 29.24 2.56 26.08
C GLU A 431 28.47 1.44 25.39
N VAL A 432 28.63 0.22 25.91
CA VAL A 432 28.05 -0.98 25.31
C VAL A 432 27.29 -1.74 26.38
N PHE A 433 26.03 -2.05 26.10
CA PHE A 433 25.25 -3.02 26.84
C PHE A 433 25.12 -4.26 25.95
N VAL A 434 25.56 -5.41 26.46
CA VAL A 434 25.51 -6.66 25.72
C VAL A 434 24.41 -7.53 26.32
N LEU A 435 23.48 -7.96 25.48
CA LEU A 435 22.41 -8.86 25.89
C LEU A 435 22.83 -10.30 25.65
N ASP A 436 22.02 -11.23 26.16
CA ASP A 436 22.29 -12.64 25.91
C ASP A 436 21.99 -12.98 24.45
N VAL A 437 22.55 -14.12 24.01
CA VAL A 437 22.35 -14.58 22.65
C VAL A 437 20.88 -14.83 22.38
N TYR A 438 20.38 -14.27 21.28
CA TYR A 438 19.08 -14.64 20.75
C TYR A 438 19.22 -15.95 19.98
N GLY A 439 18.50 -16.99 20.41
CA GLY A 439 18.74 -18.32 19.86
C GLY A 439 18.24 -18.50 18.44
N ALA A 440 17.02 -18.02 18.16
CA ALA A 440 16.41 -18.11 16.83
C ALA A 440 16.33 -19.56 16.35
N ARG A 441 15.72 -20.42 17.16
CA ARG A 441 15.47 -21.82 16.85
C ARG A 441 16.75 -22.65 16.65
N GLU A 442 17.90 -22.09 16.96
CA GLU A 442 19.14 -22.84 16.90
C GLU A 442 19.32 -23.66 18.18
N GLN A 443 20.08 -24.74 18.06
CA GLN A 443 20.38 -25.55 19.23
C GLN A 443 21.41 -24.85 20.11
N PRO A 444 21.13 -24.63 21.39
CA PRO A 444 22.10 -23.96 22.26
C PRO A 444 23.41 -24.73 22.34
N LEU A 445 24.51 -23.98 22.42
CA LEU A 445 25.84 -24.54 22.52
C LEU A 445 26.39 -24.31 23.92
N ALA A 446 26.97 -25.35 24.50
CA ALA A 446 27.56 -25.25 25.82
C ALA A 446 28.67 -24.20 25.84
N GLY A 447 28.62 -23.33 26.85
CA GLY A 447 29.66 -22.34 27.06
C GLY A 447 29.50 -21.05 26.28
N VAL A 448 28.41 -20.88 25.54
CA VAL A 448 28.19 -19.72 24.70
C VAL A 448 27.08 -18.88 25.30
N SER A 449 27.34 -17.59 25.47
CA SER A 449 26.32 -16.63 25.87
C SER A 449 26.71 -15.28 25.30
N GLY A 450 25.92 -14.25 25.64
CA GLY A 450 26.31 -12.90 25.28
C GLY A 450 27.61 -12.48 25.92
N ALA A 451 27.92 -13.04 27.09
CA ALA A 451 29.18 -12.74 27.75
C ALA A 451 30.39 -13.18 26.93
N SER A 452 30.20 -14.17 26.04
CA SER A 452 31.27 -14.53 25.11
C SER A 452 31.67 -13.33 24.24
N VAL A 453 30.70 -12.51 23.86
CA VAL A 453 31.00 -11.26 23.16
C VAL A 453 31.50 -10.20 24.14
N ALA A 454 30.87 -10.11 25.31
CA ALA A 454 31.23 -9.07 26.29
C ALA A 454 32.70 -9.17 26.72
N GLU A 455 33.26 -10.38 26.74
CA GLU A 455 34.67 -10.55 27.09
C GLU A 455 35.60 -9.75 26.19
N HIS A 456 35.19 -9.48 24.96
CA HIS A 456 36.09 -8.92 23.96
C HIS A 456 35.93 -7.41 23.76
N VAL A 457 35.01 -6.76 24.47
CA VAL A 457 34.82 -5.33 24.29
C VAL A 457 35.70 -4.59 25.30
N THR A 458 36.36 -3.54 24.83
CA THR A 458 37.34 -2.78 25.60
C THR A 458 36.76 -1.53 26.24
N VAL A 459 35.72 -0.96 25.65
CA VAL A 459 35.13 0.30 26.13
C VAL A 459 34.22 -0.02 27.32
N PRO A 460 33.72 0.98 28.04
CA PRO A 460 32.77 0.71 29.14
C PRO A 460 31.60 -0.16 28.69
N MET A 461 31.32 -1.19 29.48
CA MET A 461 30.43 -2.26 29.05
C MET A 461 29.67 -2.80 30.25
N ARG A 462 28.45 -3.26 30.00
CA ARG A 462 27.67 -4.00 30.99
C ARG A 462 27.00 -5.19 30.30
N TYR A 463 27.10 -6.35 30.92
CA TYR A 463 26.39 -7.53 30.43
C TYR A 463 25.05 -7.62 31.12
N VAL A 464 23.97 -7.52 30.35
CA VAL A 464 22.63 -7.49 30.90
C VAL A 464 21.84 -8.66 30.31
N PRO A 465 22.00 -9.87 30.83
CA PRO A 465 21.24 -11.01 30.27
C PRO A 465 19.76 -10.98 30.61
N ASP A 466 19.35 -10.29 31.67
CA ASP A 466 17.92 -10.15 31.96
C ASP A 466 17.32 -9.09 31.04
N PHE A 467 16.46 -9.53 30.13
CA PHE A 467 15.88 -8.64 29.13
C PHE A 467 15.10 -7.50 29.78
N SER A 468 14.21 -7.83 30.72
CA SER A 468 13.34 -6.84 31.34
C SER A 468 14.11 -5.78 32.13
N ALA A 469 15.36 -6.04 32.49
CA ALA A 469 16.16 -5.06 33.20
C ALA A 469 16.89 -4.08 32.29
N VAL A 470 16.87 -4.32 30.97
CA VAL A 470 17.72 -3.53 30.08
C VAL A 470 17.32 -2.06 30.08
N ALA A 471 16.07 -1.79 29.69
CA ALA A 471 15.61 -0.41 29.46
C ALA A 471 15.97 0.50 30.63
N GLN A 472 15.53 0.14 31.83
CA GLN A 472 15.84 0.94 33.02
C GLN A 472 17.33 1.25 33.10
N GLN A 473 18.18 0.22 33.04
CA GLN A 473 19.61 0.45 33.14
C GLN A 473 20.08 1.45 32.09
N VAL A 474 19.65 1.27 30.84
CA VAL A 474 20.08 2.19 29.80
C VAL A 474 19.60 3.59 30.13
N ALA A 475 18.36 3.71 30.58
CA ALA A 475 17.83 5.02 30.95
C ALA A 475 18.66 5.67 32.05
N ALA A 476 19.19 4.86 32.98
CA ALA A 476 19.97 5.42 34.06
C ALA A 476 21.35 5.85 33.57
N ALA A 477 21.86 5.23 32.51
CA ALA A 477 23.19 5.52 32.01
C ALA A 477 23.21 6.64 30.98
N ALA A 478 22.04 7.19 30.64
CA ALA A 478 21.96 8.17 29.57
C ALA A 478 22.31 9.57 30.07
N SER A 479 22.93 10.35 29.18
CA SER A 479 23.26 11.74 29.39
C SER A 479 22.65 12.57 28.27
N PRO A 480 22.42 13.86 28.48
CA PRO A 480 21.84 14.69 27.41
C PRO A 480 22.72 14.69 26.17
N GLY A 481 22.07 14.64 25.02
CA GLY A 481 22.76 14.57 23.74
C GLY A 481 23.19 13.18 23.31
N ASP A 482 22.88 12.15 24.10
CA ASP A 482 23.32 10.80 23.79
C ASP A 482 22.56 10.23 22.59
N VAL A 483 23.23 9.36 21.85
CA VAL A 483 22.62 8.57 20.79
C VAL A 483 22.61 7.13 21.25
N ILE A 484 21.42 6.53 21.29
CA ILE A 484 21.23 5.16 21.75
C ILE A 484 20.76 4.32 20.58
N VAL A 485 21.46 3.20 20.33
CA VAL A 485 21.15 2.32 19.21
C VAL A 485 20.90 0.92 19.77
N THR A 486 19.68 0.44 19.63
CA THR A 486 19.40 -0.98 19.82
C THR A 486 19.79 -1.72 18.55
N MET A 487 20.61 -2.75 18.68
CA MET A 487 21.26 -3.38 17.54
C MET A 487 21.12 -4.90 17.66
N GLY A 488 20.72 -5.54 16.57
CA GLY A 488 20.57 -6.98 16.56
C GLY A 488 19.43 -7.41 15.67
N ALA A 489 19.39 -8.72 15.40
CA ALA A 489 18.41 -9.30 14.48
C ALA A 489 17.22 -9.93 15.18
N GLY A 490 17.20 -9.96 16.50
CA GLY A 490 16.14 -10.63 17.22
C GLY A 490 15.24 -9.72 18.03
N ASP A 491 14.99 -10.11 19.29
CA ASP A 491 14.06 -9.42 20.17
C ASP A 491 14.45 -7.97 20.48
N VAL A 492 15.71 -7.61 20.27
CA VAL A 492 16.24 -6.35 20.79
C VAL A 492 15.44 -5.16 20.28
N THR A 493 14.84 -5.28 19.09
CA THR A 493 14.08 -4.17 18.52
C THR A 493 12.93 -3.71 19.42
N LEU A 494 12.44 -4.59 20.30
CA LEU A 494 11.34 -4.22 21.18
C LEU A 494 11.78 -3.25 22.27
N LEU A 495 13.09 -3.13 22.52
CA LEU A 495 13.57 -2.34 23.64
C LEU A 495 13.53 -0.84 23.38
N GLY A 496 13.48 -0.42 22.12
CA GLY A 496 13.53 0.99 21.77
C GLY A 496 12.46 1.83 22.46
N PRO A 497 11.19 1.48 22.26
CA PRO A 497 10.12 2.21 22.98
C PRO A 497 10.29 2.18 24.49
N GLU A 498 10.54 1.00 25.07
CA GLU A 498 10.71 0.88 26.52
C GLU A 498 11.76 1.86 27.04
N ILE A 499 12.94 1.85 26.42
CA ILE A 499 13.99 2.79 26.80
C ILE A 499 13.44 4.21 26.84
N LEU A 500 12.73 4.61 25.78
CA LEU A 500 12.14 5.94 25.75
C LEU A 500 11.25 6.19 26.96
N THR A 501 10.34 5.25 27.24
CA THR A 501 9.51 5.39 28.42
C THR A 501 10.37 5.56 29.66
N ALA A 502 11.37 4.70 29.82
CA ALA A 502 12.22 4.76 31.00
C ALA A 502 13.01 6.06 31.05
N LEU A 503 13.25 6.67 29.89
CA LEU A 503 13.88 7.99 29.89
C LEU A 503 12.90 9.07 30.34
N ARG A 504 11.67 9.01 29.85
CA ARG A 504 10.71 10.07 30.16
C ARG A 504 10.29 10.00 31.63
N VAL A 505 10.19 8.80 32.19
CA VAL A 505 9.97 8.68 33.63
C VAL A 505 11.16 9.25 34.39
N ARG A 506 12.36 9.10 33.86
CA ARG A 506 13.54 9.65 34.52
C ARG A 506 13.53 11.18 34.51
N ALA A 507 12.84 11.77 33.53
CA ALA A 507 12.75 13.22 33.43
C ALA A 507 11.83 13.78 34.50
N ASN A 508 12.38 14.04 35.69
CA ASN A 508 11.62 14.62 36.79
C ASN A 508 12.11 16.02 37.13
N GLN B 30 -27.60 -17.50 13.54
CA GLN B 30 -27.34 -16.08 13.73
C GLN B 30 -27.61 -15.29 12.45
N LEU B 31 -27.98 -16.01 11.39
CA LEU B 31 -28.72 -15.27 10.37
C LEU B 31 -30.21 -15.33 10.69
N PRO B 32 -30.93 -14.23 10.48
CA PRO B 32 -32.37 -14.26 10.72
C PRO B 32 -33.04 -15.24 9.78
N PRO B 33 -34.19 -15.80 10.19
CA PRO B 33 -34.81 -16.88 9.40
C PRO B 33 -35.06 -16.54 7.94
N ASP B 34 -35.33 -15.27 7.62
CA ASP B 34 -35.58 -14.90 6.23
C ASP B 34 -34.31 -14.86 5.38
N LEU B 35 -33.13 -14.85 6.01
CA LEU B 35 -31.87 -14.78 5.28
C LEU B 35 -31.15 -16.11 5.20
N ARG B 36 -31.84 -17.23 5.45
CA ARG B 36 -31.16 -18.51 5.50
C ARG B 36 -30.89 -19.07 4.11
N ARG B 37 -31.85 -18.94 3.19
CA ARG B 37 -31.72 -19.44 1.82
C ARG B 37 -32.17 -18.32 0.88
N VAL B 38 -31.21 -17.53 0.41
CA VAL B 38 -31.48 -16.28 -0.29
C VAL B 38 -31.22 -16.46 -1.77
N HIS B 39 -32.16 -16.02 -2.60
CA HIS B 39 -31.97 -15.99 -4.05
C HIS B 39 -31.86 -14.55 -4.51
N MET B 40 -30.78 -14.25 -5.23
CA MET B 40 -30.47 -12.87 -5.61
C MET B 40 -30.62 -12.72 -7.12
N VAL B 41 -31.48 -11.79 -7.52
CA VAL B 41 -31.72 -11.51 -8.93
C VAL B 41 -30.79 -10.38 -9.34
N GLY B 42 -29.89 -10.66 -10.27
CA GLY B 42 -28.81 -9.73 -10.55
C GLY B 42 -27.64 -9.91 -9.61
N ILE B 43 -27.30 -11.16 -9.28
CA ILE B 43 -26.21 -11.43 -8.35
C ILE B 43 -24.87 -11.01 -8.95
N GLY B 44 -24.78 -10.91 -10.28
CA GLY B 44 -23.66 -10.23 -10.88
C GLY B 44 -23.71 -8.74 -10.61
N GLY B 45 -22.54 -8.12 -10.57
CA GLY B 45 -22.49 -6.76 -10.06
C GLY B 45 -22.00 -6.80 -8.63
N ALA B 46 -21.10 -5.88 -8.29
CA ALA B 46 -20.24 -6.08 -7.13
C ALA B 46 -20.99 -5.94 -5.81
N GLY B 47 -22.03 -5.12 -5.75
CA GLY B 47 -22.72 -4.91 -4.48
C GLY B 47 -23.53 -6.13 -4.03
N MET B 48 -24.40 -6.61 -4.91
CA MET B 48 -25.12 -7.84 -4.64
C MET B 48 -24.16 -8.99 -4.36
N SER B 49 -23.04 -9.03 -5.10
CA SER B 49 -22.05 -10.08 -4.92
C SER B 49 -21.40 -10.01 -3.54
N GLY B 50 -21.14 -8.79 -3.03
CA GLY B 50 -20.60 -8.68 -1.68
C GLY B 50 -21.60 -9.10 -0.61
N ILE B 51 -22.86 -8.73 -0.80
CA ILE B 51 -23.90 -9.21 0.10
C ILE B 51 -23.93 -10.74 0.12
N ALA B 52 -23.88 -11.35 -1.06
CA ALA B 52 -23.88 -12.81 -1.15
C ALA B 52 -22.65 -13.41 -0.48
N ARG B 53 -21.49 -12.75 -0.66
CA ARG B 53 -20.26 -13.23 -0.02
C ARG B 53 -20.41 -13.27 1.50
N ILE B 54 -20.93 -12.19 2.09
CA ILE B 54 -21.15 -12.19 3.54
C ILE B 54 -22.16 -13.26 3.94
N LEU B 55 -23.27 -13.37 3.18
CA LEU B 55 -24.28 -14.39 3.46
C LEU B 55 -23.65 -15.78 3.52
N LEU B 56 -22.82 -16.11 2.53
CA LEU B 56 -22.17 -17.42 2.51
C LEU B 56 -21.25 -17.60 3.69
N ASP B 57 -20.43 -16.58 4.00
CA ASP B 57 -19.47 -16.71 5.08
C ASP B 57 -20.11 -16.93 6.45
N ARG B 58 -21.39 -16.57 6.60
CA ARG B 58 -22.11 -16.78 7.85
C ARG B 58 -23.03 -17.99 7.79
N GLY B 59 -22.71 -18.96 6.93
CA GLY B 59 -23.41 -20.22 6.89
C GLY B 59 -24.70 -20.21 6.10
N GLY B 60 -24.96 -19.15 5.35
CA GLY B 60 -26.20 -19.07 4.59
C GLY B 60 -26.09 -19.70 3.21
N LEU B 61 -27.22 -20.16 2.71
CA LEU B 61 -27.32 -20.66 1.35
C LEU B 61 -27.69 -19.52 0.42
N VAL B 62 -27.04 -19.47 -0.74
CA VAL B 62 -27.24 -18.39 -1.70
C VAL B 62 -27.35 -19.00 -3.09
N SER B 63 -28.43 -18.67 -3.79
CA SER B 63 -28.53 -18.88 -5.23
C SER B 63 -28.66 -17.53 -5.91
N GLY B 64 -28.48 -17.53 -7.22
CA GLY B 64 -28.52 -16.25 -7.92
C GLY B 64 -28.64 -16.43 -9.42
N SER B 65 -28.92 -15.30 -10.07
CA SER B 65 -28.99 -15.25 -11.52
C SER B 65 -28.48 -13.89 -11.99
N ASP B 66 -27.90 -13.87 -13.18
CA ASP B 66 -27.49 -12.62 -13.79
C ASP B 66 -27.47 -12.79 -15.29
N ALA B 67 -27.77 -11.70 -16.01
CA ALA B 67 -27.76 -11.74 -17.46
C ALA B 67 -26.36 -11.99 -18.01
N LYS B 68 -25.33 -11.48 -17.33
CA LYS B 68 -23.97 -11.51 -17.83
C LYS B 68 -23.09 -12.29 -16.86
N GLU B 69 -22.33 -13.23 -17.41
CA GLU B 69 -21.30 -13.89 -16.63
C GLU B 69 -20.16 -12.91 -16.37
N SER B 70 -19.45 -13.11 -15.27
CA SER B 70 -18.37 -12.22 -14.89
C SER B 70 -17.47 -12.93 -13.88
N ARG B 71 -16.39 -12.25 -13.49
CA ARG B 71 -15.54 -12.75 -12.42
C ARG B 71 -16.26 -12.75 -11.07
N GLY B 72 -17.25 -11.88 -10.89
CA GLY B 72 -18.03 -11.91 -9.66
C GLY B 72 -18.86 -13.17 -9.55
N VAL B 73 -19.51 -13.56 -10.65
CA VAL B 73 -20.28 -14.79 -10.67
C VAL B 73 -19.38 -15.99 -10.39
N HIS B 74 -18.21 -16.03 -11.02
CA HIS B 74 -17.26 -17.12 -10.79
C HIS B 74 -16.76 -17.13 -9.36
N ALA B 75 -16.48 -15.95 -8.80
CA ALA B 75 -15.99 -15.86 -7.43
C ALA B 75 -17.06 -16.36 -6.45
N LEU B 76 -18.32 -16.01 -6.67
CA LEU B 76 -19.38 -16.50 -5.81
C LEU B 76 -19.58 -18.00 -5.98
N ARG B 77 -19.42 -18.50 -7.21
CA ARG B 77 -19.45 -19.95 -7.42
C ARG B 77 -18.35 -20.63 -6.62
N ALA B 78 -17.18 -19.99 -6.52
CA ALA B 78 -16.10 -20.55 -5.72
C ALA B 78 -16.49 -20.67 -4.25
N ARG B 79 -17.32 -19.74 -3.75
CA ARG B 79 -17.73 -19.74 -2.36
C ARG B 79 -19.00 -20.55 -2.09
N GLY B 80 -19.54 -21.23 -3.09
CA GLY B 80 -20.66 -22.13 -2.90
C GLY B 80 -22.01 -21.63 -3.37
N ALA B 81 -22.05 -20.52 -4.10
CA ALA B 81 -23.31 -19.99 -4.59
C ALA B 81 -23.78 -20.74 -5.84
N LEU B 82 -25.08 -21.00 -5.91
CA LEU B 82 -25.71 -21.61 -7.07
C LEU B 82 -26.18 -20.50 -8.00
N ILE B 83 -25.44 -20.26 -9.09
CA ILE B 83 -25.76 -19.18 -10.01
C ILE B 83 -26.08 -19.78 -11.37
N ARG B 84 -27.20 -19.34 -11.95
CA ARG B 84 -27.58 -19.67 -13.31
C ARG B 84 -27.51 -18.40 -14.15
N ILE B 85 -26.80 -18.48 -15.28
CA ILE B 85 -26.65 -17.33 -16.15
C ILE B 85 -27.92 -17.14 -16.97
N GLY B 86 -28.41 -15.90 -17.02
CA GLY B 86 -29.68 -15.62 -17.65
C GLY B 86 -30.82 -15.74 -16.66
N HIS B 87 -31.78 -14.82 -16.72
CA HIS B 87 -32.89 -14.84 -15.79
C HIS B 87 -33.97 -15.80 -16.26
N ASP B 88 -34.59 -16.48 -15.30
CA ASP B 88 -35.61 -17.49 -15.57
C ASP B 88 -36.27 -17.87 -14.25
N ALA B 89 -37.59 -18.08 -14.28
CA ALA B 89 -38.32 -18.40 -13.06
C ALA B 89 -37.80 -19.68 -12.41
N SER B 90 -37.32 -20.64 -13.23
CA SER B 90 -36.78 -21.87 -12.68
C SER B 90 -35.62 -21.64 -11.72
N SER B 91 -34.95 -20.48 -11.83
CA SER B 91 -33.86 -20.18 -10.91
C SER B 91 -34.32 -20.10 -9.46
N LEU B 92 -35.63 -19.89 -9.22
CA LEU B 92 -36.10 -19.91 -7.84
C LEU B 92 -36.10 -21.31 -7.25
N ASP B 93 -35.88 -22.36 -8.05
CA ASP B 93 -35.86 -23.72 -7.57
C ASP B 93 -34.44 -24.24 -7.34
N LEU B 94 -33.44 -23.36 -7.37
CA LEU B 94 -32.07 -23.80 -7.19
C LEU B 94 -31.77 -24.17 -5.74
N LEU B 95 -32.40 -23.48 -4.79
CA LEU B 95 -31.99 -23.84 -3.44
C LEU B 95 -32.86 -24.96 -2.89
N PRO B 96 -32.26 -25.94 -2.22
CA PRO B 96 -33.06 -27.00 -1.59
C PRO B 96 -33.93 -26.42 -0.48
N GLY B 97 -35.20 -26.81 -0.49
CA GLY B 97 -36.17 -26.27 0.43
C GLY B 97 -36.81 -24.96 0.00
N GLY B 98 -36.36 -24.36 -1.09
CA GLY B 98 -36.91 -23.12 -1.57
C GLY B 98 -36.25 -21.90 -0.93
N ALA B 99 -36.36 -20.77 -1.64
CA ALA B 99 -35.78 -19.52 -1.18
C ALA B 99 -36.60 -18.94 -0.05
N THR B 100 -35.93 -18.52 1.02
CA THR B 100 -36.60 -17.80 2.10
C THR B 100 -36.79 -16.32 1.77
N ALA B 101 -36.01 -15.79 0.83
CA ALA B 101 -36.16 -14.40 0.42
C ALA B 101 -35.48 -14.21 -0.92
N VAL B 102 -36.06 -13.32 -1.73
CA VAL B 102 -35.46 -12.87 -2.98
C VAL B 102 -34.94 -11.47 -2.75
N VAL B 103 -33.67 -11.26 -3.07
CA VAL B 103 -33.02 -9.96 -3.00
C VAL B 103 -32.87 -9.45 -4.42
N THR B 104 -33.13 -8.16 -4.62
CA THR B 104 -32.95 -7.55 -5.93
C THR B 104 -32.41 -6.14 -5.75
N THR B 105 -31.82 -5.64 -6.83
CA THR B 105 -31.44 -4.24 -6.95
C THR B 105 -32.45 -3.56 -7.88
N HIS B 106 -33.07 -2.49 -7.40
CA HIS B 106 -34.16 -1.87 -8.13
C HIS B 106 -33.69 -1.05 -9.31
N ALA B 107 -32.43 -0.59 -9.30
CA ALA B 107 -31.94 0.17 -10.44
C ALA B 107 -31.71 -0.72 -11.64
N ALA B 108 -31.20 -1.93 -11.42
CA ALA B 108 -30.73 -2.75 -12.53
C ALA B 108 -31.74 -3.78 -13.01
N ILE B 109 -32.62 -4.26 -12.14
CA ILE B 109 -33.56 -5.33 -12.46
C ILE B 109 -34.97 -4.76 -12.44
N PRO B 110 -35.76 -4.95 -13.49
CA PRO B 110 -37.12 -4.41 -13.51
C PRO B 110 -38.07 -5.24 -12.67
N LYS B 111 -39.19 -4.60 -12.30
CA LYS B 111 -40.23 -5.30 -11.53
C LYS B 111 -40.86 -6.41 -12.36
N THR B 112 -40.85 -6.28 -13.69
CA THR B 112 -41.39 -7.29 -14.58
C THR B 112 -40.42 -8.44 -14.85
N ASN B 113 -39.30 -8.50 -14.12
CA ASN B 113 -38.38 -9.61 -14.26
C ASN B 113 -39.09 -10.92 -13.93
N PRO B 114 -38.87 -11.99 -14.70
CA PRO B 114 -39.62 -13.24 -14.46
C PRO B 114 -39.45 -13.78 -13.05
N GLU B 115 -38.24 -13.71 -12.51
CA GLU B 115 -37.98 -14.30 -11.19
C GLU B 115 -38.71 -13.54 -10.09
N LEU B 116 -38.74 -12.21 -10.18
CA LEU B 116 -39.48 -11.42 -9.19
C LEU B 116 -40.98 -11.70 -9.27
N VAL B 117 -41.50 -11.89 -10.48
CA VAL B 117 -42.92 -12.20 -10.63
C VAL B 117 -43.23 -13.54 -9.98
N GLU B 118 -42.40 -14.56 -10.24
CA GLU B 118 -42.61 -15.86 -9.61
C GLU B 118 -42.49 -15.76 -8.09
N ALA B 119 -41.55 -14.95 -7.61
CA ALA B 119 -41.38 -14.78 -6.17
C ALA B 119 -42.63 -14.18 -5.54
N ARG B 120 -43.16 -13.11 -6.14
CA ARG B 120 -44.40 -12.53 -5.63
C ARG B 120 -45.57 -13.50 -5.75
N ARG B 121 -45.54 -14.38 -6.75
CA ARG B 121 -46.61 -15.36 -6.88
C ARG B 121 -46.57 -16.38 -5.76
N ARG B 122 -45.37 -16.80 -5.35
CA ARG B 122 -45.26 -17.76 -4.26
C ARG B 122 -45.34 -17.12 -2.88
N GLY B 123 -45.48 -15.80 -2.80
CA GLY B 123 -45.42 -15.11 -1.52
C GLY B 123 -44.04 -15.05 -0.91
N ILE B 124 -43.00 -15.30 -1.67
CA ILE B 124 -41.62 -15.15 -1.17
C ILE B 124 -41.34 -13.66 -0.98
N PRO B 125 -40.84 -13.23 0.19
CA PRO B 125 -40.54 -11.81 0.37
C PRO B 125 -39.49 -11.35 -0.62
N VAL B 126 -39.70 -10.15 -1.16
CA VAL B 126 -38.76 -9.50 -2.06
C VAL B 126 -38.22 -8.27 -1.35
N VAL B 127 -36.89 -8.20 -1.22
CA VAL B 127 -36.23 -7.12 -0.50
C VAL B 127 -35.17 -6.51 -1.39
N LEU B 128 -34.73 -5.32 -1.00
CA LEU B 128 -33.62 -4.64 -1.63
C LEU B 128 -32.36 -4.83 -0.81
N ARG B 129 -31.22 -4.58 -1.44
CA ARG B 129 -29.91 -4.71 -0.79
C ARG B 129 -29.80 -4.01 0.56
N PRO B 130 -30.26 -2.76 0.75
CA PRO B 130 -30.02 -2.09 2.04
C PRO B 130 -30.66 -2.77 3.22
N ALA B 131 -31.84 -3.36 3.06
CA ALA B 131 -32.48 -4.07 4.17
C ALA B 131 -31.66 -5.29 4.59
N VAL B 132 -31.16 -6.04 3.61
CA VAL B 132 -30.29 -7.17 3.92
C VAL B 132 -29.03 -6.69 4.62
N LEU B 133 -28.42 -5.62 4.11
CA LEU B 133 -27.20 -5.09 4.73
C LEU B 133 -27.45 -4.69 6.17
N ALA B 134 -28.56 -4.01 6.43
CA ALA B 134 -28.93 -3.66 7.80
C ALA B 134 -29.04 -4.91 8.67
N LYS B 135 -29.67 -5.97 8.16
CA LYS B 135 -29.76 -7.21 8.93
C LYS B 135 -28.39 -7.80 9.21
N LEU B 136 -27.45 -7.67 8.27
CA LEU B 136 -26.12 -8.22 8.45
C LEU B 136 -25.30 -7.42 9.46
N MET B 137 -25.57 -6.12 9.59
CA MET B 137 -24.84 -5.28 10.52
C MET B 137 -25.40 -5.33 11.94
N ALA B 138 -26.45 -6.12 12.17
CA ALA B 138 -27.32 -5.94 13.34
C ALA B 138 -26.53 -5.87 14.65
N GLY B 139 -25.82 -6.96 14.99
CA GLY B 139 -25.22 -7.07 16.30
C GLY B 139 -23.86 -6.44 16.49
N ARG B 140 -23.45 -5.55 15.59
CA ARG B 140 -22.11 -4.98 15.62
C ARG B 140 -22.16 -3.50 15.92
N THR B 141 -21.00 -2.95 16.29
CA THR B 141 -20.83 -1.50 16.29
C THR B 141 -20.72 -1.02 14.86
N THR B 142 -21.63 -0.15 14.46
CA THR B 142 -21.85 0.19 13.06
C THR B 142 -21.31 1.58 12.76
N LEU B 143 -20.47 1.68 11.73
CA LEU B 143 -19.89 2.94 11.28
C LEU B 143 -20.32 3.15 9.84
N MET B 144 -21.27 4.07 9.63
CA MET B 144 -21.81 4.37 8.32
C MET B 144 -21.14 5.61 7.77
N VAL B 145 -20.84 5.60 6.48
CA VAL B 145 -20.25 6.73 5.78
C VAL B 145 -21.20 7.14 4.66
N THR B 146 -21.60 8.41 4.65
CA THR B 146 -22.48 8.93 3.60
C THR B 146 -22.03 10.34 3.26
N GLY B 147 -22.74 10.95 2.31
CA GLY B 147 -22.38 12.25 1.77
C GLY B 147 -22.64 12.28 0.28
N THR B 148 -22.51 13.45 -0.36
CA THR B 148 -22.79 13.51 -1.79
C THR B 148 -21.68 12.88 -2.61
N HIS B 149 -20.43 13.07 -2.21
CA HIS B 149 -19.31 12.41 -2.88
C HIS B 149 -18.16 12.25 -1.89
N GLY B 150 -17.28 11.30 -2.20
CA GLY B 150 -16.21 10.93 -1.30
C GLY B 150 -16.53 9.79 -0.36
N LYS B 151 -17.66 9.11 -0.55
CA LYS B 151 -18.06 8.05 0.37
C LYS B 151 -17.15 6.83 0.25
N THR B 152 -16.82 6.44 -0.98
CA THR B 152 -16.05 5.21 -1.18
C THR B 152 -14.64 5.36 -0.62
N THR B 153 -13.98 6.48 -0.91
CA THR B 153 -12.63 6.71 -0.42
C THR B 153 -12.61 6.77 1.11
N THR B 154 -13.55 7.49 1.71
CA THR B 154 -13.58 7.63 3.17
C THR B 154 -13.84 6.29 3.84
N THR B 155 -14.83 5.54 3.34
CA THR B 155 -15.10 4.22 3.89
C THR B 155 -13.88 3.30 3.76
N SER B 156 -13.20 3.33 2.61
CA SER B 156 -12.05 2.46 2.41
C SER B 156 -10.88 2.86 3.32
N MET B 157 -10.65 4.16 3.49
CA MET B 157 -9.65 4.63 4.44
C MET B 157 -9.96 4.13 5.85
N LEU B 158 -11.23 4.25 6.26
CA LEU B 158 -11.62 3.79 7.59
C LEU B 158 -11.39 2.29 7.75
N ILE B 159 -11.76 1.51 6.72
CA ILE B 159 -11.59 0.06 6.78
C ILE B 159 -10.10 -0.29 6.92
N VAL B 160 -9.26 0.34 6.10
CA VAL B 160 -7.84 0.01 6.14
C VAL B 160 -7.23 0.41 7.48
N ALA B 161 -7.66 1.54 8.04
CA ALA B 161 -7.15 1.97 9.35
C ALA B 161 -7.57 1.00 10.44
N LEU B 162 -8.82 0.55 10.42
CA LEU B 162 -9.27 -0.41 11.43
C LEU B 162 -8.56 -1.75 11.27
N GLN B 163 -8.23 -2.13 10.04
CA GLN B 163 -7.51 -3.39 9.85
C GLN B 163 -6.08 -3.28 10.35
N HIS B 164 -5.44 -2.12 10.15
CA HIS B 164 -4.09 -1.95 10.68
C HIS B 164 -4.06 -1.96 12.20
N CYS B 165 -5.18 -1.64 12.83
CA CYS B 165 -5.28 -1.70 14.29
C CYS B 165 -5.58 -3.11 14.81
N GLY B 166 -5.76 -4.09 13.93
CA GLY B 166 -6.03 -5.45 14.35
C GLY B 166 -7.47 -5.74 14.68
N LEU B 167 -8.40 -4.84 14.35
CA LEU B 167 -9.80 -4.98 14.74
C LEU B 167 -10.62 -5.81 13.75
N ASP B 168 -10.07 -6.15 12.59
CA ASP B 168 -10.67 -7.01 11.57
C ASP B 168 -12.17 -6.72 11.33
N PRO B 169 -12.51 -5.53 10.87
CA PRO B 169 -13.93 -5.20 10.72
C PRO B 169 -14.59 -5.97 9.58
N SER B 170 -15.87 -6.28 9.77
CA SER B 170 -16.73 -6.57 8.63
C SER B 170 -16.99 -5.26 7.89
N PHE B 171 -17.24 -5.36 6.59
CA PHE B 171 -17.49 -4.14 5.85
C PHE B 171 -18.27 -4.39 4.57
N ALA B 172 -18.83 -3.31 4.04
CA ALA B 172 -19.47 -3.28 2.73
C ALA B 172 -19.26 -1.87 2.18
N VAL B 173 -18.39 -1.77 1.21
CA VAL B 173 -17.98 -0.56 0.61
C VAL B 173 -18.30 -0.49 -0.86
N GLY B 174 -18.68 0.66 -1.31
CA GLY B 174 -18.99 0.88 -2.69
C GLY B 174 -20.39 1.31 -3.01
N GLY B 175 -20.52 1.87 -4.18
CA GLY B 175 -21.74 2.37 -4.72
C GLY B 175 -21.58 3.68 -5.42
N GLU B 176 -20.89 4.62 -4.84
CA GLU B 176 -20.68 5.92 -5.41
C GLU B 176 -19.94 5.93 -6.72
N LEU B 177 -18.97 5.08 -6.85
CA LEU B 177 -18.18 4.98 -8.07
C LEU B 177 -18.65 3.86 -8.98
N GLY B 178 -19.88 3.39 -8.81
CA GLY B 178 -20.34 2.23 -9.56
C GLY B 178 -19.66 0.98 -9.04
N GLU B 179 -19.09 0.20 -9.96
CA GLU B 179 -18.40 -1.03 -9.58
C GLU B 179 -17.06 -0.74 -8.90
N ALA B 180 -16.44 0.39 -9.23
CA ALA B 180 -15.10 0.69 -8.75
C ALA B 180 -15.08 0.81 -7.23
N GLY B 181 -14.07 0.19 -6.61
CA GLY B 181 -13.91 0.26 -5.17
C GLY B 181 -14.91 -0.55 -4.36
N THR B 182 -15.83 -1.26 -5.02
CA THR B 182 -16.83 -2.03 -4.30
C THR B 182 -16.24 -3.34 -3.79
N ASN B 183 -16.57 -3.67 -2.55
CA ASN B 183 -16.07 -4.86 -1.87
C ASN B 183 -16.89 -5.04 -0.61
N ALA B 184 -16.94 -6.28 -0.12
CA ALA B 184 -17.63 -6.58 1.13
C ALA B 184 -16.98 -7.80 1.74
N HIS B 185 -17.06 -7.90 3.07
CA HIS B 185 -16.28 -8.89 3.78
C HIS B 185 -16.90 -9.15 5.15
N HIS B 186 -17.03 -10.43 5.49
CA HIS B 186 -17.36 -10.83 6.85
C HIS B 186 -16.07 -10.99 7.65
N GLY B 187 -15.91 -10.14 8.67
CA GLY B 187 -14.74 -10.18 9.52
C GLY B 187 -15.06 -10.75 10.89
N SER B 188 -14.00 -10.99 11.66
CA SER B 188 -14.13 -11.52 13.01
C SER B 188 -14.27 -10.44 14.07
N GLY B 189 -14.06 -9.18 13.72
CA GLY B 189 -14.14 -8.10 14.70
C GLY B 189 -15.56 -7.77 15.08
N ASP B 190 -15.68 -6.80 16.01
CA ASP B 190 -16.96 -6.34 16.50
C ASP B 190 -17.55 -5.19 15.70
N CYS B 191 -16.80 -4.64 14.74
CA CYS B 191 -17.25 -3.48 13.99
C CYS B 191 -17.75 -3.87 12.61
N PHE B 192 -18.54 -2.98 12.03
CA PHE B 192 -19.02 -3.11 10.66
C PHE B 192 -18.99 -1.71 10.04
N VAL B 193 -18.14 -1.54 9.03
CA VAL B 193 -18.02 -0.27 8.31
C VAL B 193 -18.78 -0.39 7.00
N ALA B 194 -19.64 0.59 6.71
CA ALA B 194 -20.46 0.49 5.51
C ALA B 194 -20.62 1.86 4.87
N GLU B 195 -20.60 1.86 3.53
CA GLU B 195 -20.95 3.04 2.76
C GLU B 195 -22.47 3.10 2.60
N ALA B 196 -23.06 4.25 2.92
CA ALA B 196 -24.50 4.42 2.91
C ALA B 196 -24.90 5.28 1.73
N ASP B 197 -25.68 4.71 0.81
CA ASP B 197 -26.12 5.45 -0.36
C ASP B 197 -27.21 6.45 0.03
N GLU B 198 -27.03 7.71 -0.36
CA GLU B 198 -27.97 8.77 -0.09
C GLU B 198 -28.77 9.18 -1.33
N SER B 199 -28.46 8.61 -2.50
CA SER B 199 -29.13 8.99 -3.74
C SER B 199 -30.50 8.33 -3.91
N ASP B 200 -30.76 7.22 -3.22
CA ASP B 200 -32.04 6.53 -3.35
C ASP B 200 -32.76 6.35 -2.02
N GLY B 201 -32.38 7.09 -0.97
CA GLY B 201 -33.04 6.96 0.32
C GLY B 201 -32.72 5.72 1.10
N SER B 202 -31.72 4.93 0.70
CA SER B 202 -31.30 3.77 1.48
C SER B 202 -30.87 4.17 2.89
N LEU B 203 -30.40 5.40 3.06
CA LEU B 203 -29.90 5.95 4.32
C LEU B 203 -30.76 5.57 5.52
N LEU B 204 -32.08 5.67 5.37
CA LEU B 204 -32.98 5.53 6.51
C LEU B 204 -33.24 4.08 6.87
N GLN B 205 -32.60 3.13 6.20
CA GLN B 205 -32.71 1.72 6.57
C GLN B 205 -31.76 1.32 7.70
N TYR B 206 -30.79 2.17 8.03
CA TYR B 206 -29.70 1.80 8.92
C TYR B 206 -29.86 2.45 10.29
N THR B 207 -29.10 1.91 11.25
CA THR B 207 -29.09 2.40 12.62
C THR B 207 -27.64 2.59 13.05
N PRO B 208 -27.03 3.70 12.65
CA PRO B 208 -25.58 3.85 12.89
C PRO B 208 -25.24 4.11 14.34
N HIS B 209 -24.11 3.56 14.77
CA HIS B 209 -23.47 3.98 16.01
C HIS B 209 -22.58 5.19 15.78
N VAL B 210 -21.81 5.20 14.69
CA VAL B 210 -21.08 6.37 14.23
C VAL B 210 -21.53 6.67 12.82
N ALA B 211 -21.82 7.94 12.54
CA ALA B 211 -22.25 8.36 11.21
C ALA B 211 -21.29 9.43 10.71
N VAL B 212 -20.64 9.17 9.58
CA VAL B 212 -19.71 10.09 8.95
C VAL B 212 -20.39 10.72 7.75
N ILE B 213 -20.33 12.04 7.66
CA ILE B 213 -20.94 12.78 6.56
C ILE B 213 -19.87 13.66 5.93
N THR B 214 -19.48 13.32 4.70
CA THR B 214 -18.41 13.98 3.97
C THR B 214 -18.85 15.35 3.45
N ASN B 215 -20.09 15.47 2.97
CA ASN B 215 -20.62 16.73 2.45
C ASN B 215 -22.08 16.52 2.07
N ILE B 216 -22.79 17.64 1.88
CA ILE B 216 -24.18 17.67 1.45
C ILE B 216 -24.29 18.77 0.40
N GLU B 217 -24.30 18.39 -0.87
CA GLU B 217 -24.40 19.35 -1.96
C GLU B 217 -25.68 19.09 -2.75
N SER B 218 -26.18 20.13 -3.40
CA SER B 218 -27.45 20.09 -4.10
C SER B 218 -27.30 19.31 -5.42
N ASP B 219 -27.18 17.99 -5.27
CA ASP B 219 -27.19 17.08 -6.41
C ASP B 219 -27.85 15.78 -5.94
N HIS B 220 -27.86 14.77 -6.81
CA HIS B 220 -28.56 13.50 -6.53
C HIS B 220 -30.01 13.75 -6.15
N LEU B 221 -30.61 14.76 -6.77
CA LEU B 221 -31.97 15.18 -6.45
C LEU B 221 -33.04 14.36 -7.15
N ASP B 222 -32.66 13.47 -8.07
CA ASP B 222 -33.64 12.81 -8.92
C ASP B 222 -34.67 12.01 -8.11
N PHE B 223 -34.24 11.43 -6.99
CA PHE B 223 -35.14 10.66 -6.14
C PHE B 223 -36.03 11.54 -5.26
N TYR B 224 -35.63 12.79 -5.02
CA TYR B 224 -36.24 13.62 -4.00
C TYR B 224 -37.10 14.75 -4.55
N GLY B 225 -36.83 15.23 -5.76
CA GLY B 225 -37.63 16.28 -6.37
C GLY B 225 -37.36 17.67 -5.89
N SER B 226 -36.63 17.85 -4.78
CA SER B 226 -36.35 19.18 -4.26
C SER B 226 -35.14 19.09 -3.33
N VAL B 227 -34.34 20.16 -3.33
CA VAL B 227 -33.15 20.23 -2.49
C VAL B 227 -33.52 20.02 -1.02
N GLU B 228 -34.66 20.57 -0.60
CA GLU B 228 -35.07 20.46 0.80
C GLU B 228 -35.28 19.01 1.20
N ALA B 229 -35.89 18.20 0.34
CA ALA B 229 -36.08 16.79 0.66
C ALA B 229 -34.75 16.06 0.79
N TYR B 230 -33.80 16.39 -0.09
CA TYR B 230 -32.48 15.77 -0.04
C TYR B 230 -31.76 16.08 1.27
N VAL B 231 -31.81 17.33 1.73
CA VAL B 231 -31.19 17.66 3.01
C VAL B 231 -31.95 17.01 4.16
N ALA B 232 -33.28 16.93 4.05
CA ALA B 232 -34.09 16.33 5.10
C ALA B 232 -33.77 14.84 5.27
N VAL B 233 -33.34 14.17 4.19
CA VAL B 233 -32.96 12.77 4.33
C VAL B 233 -31.76 12.64 5.26
N PHE B 234 -30.79 13.57 5.16
CA PHE B 234 -29.64 13.55 6.07
C PHE B 234 -30.07 13.87 7.49
N ASP B 235 -31.04 14.78 7.65
CA ASP B 235 -31.55 15.08 8.99
C ASP B 235 -32.20 13.85 9.63
N SER B 236 -33.03 13.14 8.86
CA SER B 236 -33.64 11.92 9.38
C SER B 236 -32.59 10.87 9.72
N PHE B 237 -31.56 10.75 8.87
CA PHE B 237 -30.49 9.79 9.14
C PHE B 237 -29.76 10.14 10.45
N VAL B 238 -29.50 11.43 10.68
CA VAL B 238 -28.93 11.84 11.96
C VAL B 238 -29.85 11.45 13.10
N GLU B 239 -31.16 11.57 12.90
CA GLU B 239 -32.11 11.15 13.92
C GLU B 239 -32.04 9.64 14.18
N ARG B 240 -31.64 8.86 13.18
CA ARG B 240 -31.58 7.40 13.36
C ARG B 240 -30.33 6.93 14.11
N ILE B 241 -29.43 7.83 14.52
CA ILE B 241 -28.24 7.42 15.26
C ILE B 241 -28.66 6.88 16.63
N VAL B 242 -28.03 5.78 17.05
CA VAL B 242 -28.32 5.17 18.34
C VAL B 242 -28.03 6.18 19.44
N PRO B 243 -28.79 6.16 20.54
CA PRO B 243 -28.46 7.04 21.67
C PRO B 243 -27.07 6.78 22.19
N GLY B 244 -26.30 7.86 22.37
CA GLY B 244 -24.91 7.74 22.74
C GLY B 244 -23.95 7.66 21.58
N GLY B 245 -24.44 7.61 20.35
CA GLY B 245 -23.57 7.54 19.20
C GLY B 245 -22.91 8.87 18.90
N ALA B 246 -22.39 8.98 17.67
CA ALA B 246 -21.64 10.14 17.26
C ALA B 246 -21.88 10.43 15.79
N LEU B 247 -21.71 11.71 15.43
CA LEU B 247 -21.79 12.19 14.06
C LEU B 247 -20.50 12.92 13.75
N VAL B 248 -19.65 12.31 12.92
CA VAL B 248 -18.48 12.96 12.34
C VAL B 248 -18.94 13.66 11.07
N VAL B 249 -18.58 14.93 10.92
CA VAL B 249 -19.13 15.70 9.80
C VAL B 249 -18.10 16.72 9.34
N CYS B 250 -18.00 16.88 8.02
CA CYS B 250 -17.13 17.91 7.46
C CYS B 250 -17.84 19.26 7.44
N THR B 251 -17.23 20.27 8.05
CA THR B 251 -17.83 21.60 8.15
C THR B 251 -17.25 22.61 7.16
N ASP B 252 -16.22 22.23 6.40
CA ASP B 252 -15.86 23.04 5.23
C ASP B 252 -17.00 23.11 4.25
N ASP B 253 -17.83 22.07 4.20
CA ASP B 253 -19.00 22.03 3.34
C ASP B 253 -20.15 22.82 3.96
N PRO B 254 -20.78 23.73 3.22
CA PRO B 254 -21.87 24.51 3.82
C PRO B 254 -23.01 23.67 4.38
N GLY B 255 -23.52 22.72 3.58
CA GLY B 255 -24.56 21.82 4.07
C GLY B 255 -24.11 21.01 5.27
N GLY B 256 -22.85 20.56 5.25
CA GLY B 256 -22.33 19.80 6.38
C GLY B 256 -22.27 20.62 7.65
N ALA B 257 -21.87 21.89 7.54
CA ALA B 257 -21.82 22.76 8.72
C ALA B 257 -23.21 23.07 9.25
N ALA B 258 -24.16 23.30 8.34
CA ALA B 258 -25.55 23.50 8.77
C ALA B 258 -26.08 22.27 9.50
N LEU B 259 -25.79 21.08 8.96
CA LEU B 259 -26.24 19.86 9.63
C LEU B 259 -25.55 19.67 10.97
N ALA B 260 -24.27 20.06 11.06
CA ALA B 260 -23.57 20.00 12.34
C ALA B 260 -24.24 20.88 13.38
N GLN B 261 -24.66 22.08 12.99
CA GLN B 261 -25.40 22.93 13.91
C GLN B 261 -26.71 22.28 14.36
N ARG B 262 -27.52 21.85 13.39
CA ARG B 262 -28.80 21.24 13.72
C ARG B 262 -28.62 20.00 14.60
N ALA B 263 -27.52 19.27 14.43
CA ALA B 263 -27.32 18.06 15.20
C ALA B 263 -26.80 18.37 16.60
N THR B 264 -25.91 19.35 16.74
CA THR B 264 -25.50 19.80 18.06
C THR B 264 -26.68 20.28 18.87
N GLU B 265 -27.69 20.86 18.21
CA GLU B 265 -28.89 21.28 18.93
C GLU B 265 -29.55 20.12 19.67
N LEU B 266 -29.40 18.89 19.19
CA LEU B 266 -30.04 17.72 19.79
C LEU B 266 -29.19 17.06 20.87
N GLY B 267 -28.09 17.69 21.28
CA GLY B 267 -27.19 17.07 22.23
C GLY B 267 -26.38 15.91 21.70
N ILE B 268 -26.50 15.59 20.41
CA ILE B 268 -25.74 14.51 19.81
C ILE B 268 -24.25 14.86 19.81
N ARG B 269 -23.41 13.88 20.12
CA ARG B 269 -21.97 14.05 19.92
C ARG B 269 -21.72 14.41 18.45
N VAL B 270 -21.13 15.58 18.23
CA VAL B 270 -20.84 16.06 16.89
C VAL B 270 -19.36 16.37 16.82
N LEU B 271 -18.63 15.57 16.04
CA LEU B 271 -17.21 15.78 15.82
C LEU B 271 -17.03 16.40 14.45
N ARG B 272 -16.65 17.67 14.44
CA ARG B 272 -16.46 18.43 13.20
C ARG B 272 -15.04 18.27 12.71
N TYR B 273 -14.87 18.23 11.39
CA TYR B 273 -13.54 18.27 10.81
C TYR B 273 -13.55 19.15 9.58
N GLY B 274 -12.39 19.72 9.29
CA GLY B 274 -12.24 20.63 8.17
C GLY B 274 -10.93 21.36 8.25
N SER B 275 -10.67 22.17 7.23
CA SER B 275 -9.43 22.95 7.15
C SER B 275 -9.60 24.39 7.61
N VAL B 276 -10.82 24.87 7.75
CA VAL B 276 -11.06 26.21 8.27
C VAL B 276 -11.44 26.09 9.75
N PRO B 277 -10.85 26.89 10.63
CA PRO B 277 -11.21 26.82 12.05
C PRO B 277 -12.69 27.08 12.25
N GLY B 278 -13.25 26.46 13.29
CA GLY B 278 -14.64 26.63 13.64
C GLY B 278 -14.84 26.40 15.11
N GLU B 279 -16.03 26.73 15.58
CA GLU B 279 -16.36 26.56 16.99
C GLU B 279 -16.38 25.08 17.35
N THR B 280 -15.70 24.74 18.45
CA THR B 280 -15.68 23.38 18.99
C THR B 280 -15.32 22.36 17.91
N MET B 281 -14.10 22.49 17.39
CA MET B 281 -13.61 21.63 16.32
C MET B 281 -13.00 20.36 16.91
N ALA B 282 -13.30 19.23 16.26
CA ALA B 282 -12.71 17.96 16.69
C ALA B 282 -11.39 17.67 15.99
N ALA B 283 -11.23 18.11 14.74
CA ALA B 283 -9.99 17.90 14.00
C ALA B 283 -9.88 18.94 12.90
N THR B 284 -8.71 19.57 12.81
CA THR B 284 -8.47 20.62 11.83
C THR B 284 -7.25 20.28 11.00
N LEU B 285 -7.33 20.53 9.70
CA LEU B 285 -6.19 20.38 8.79
C LEU B 285 -5.41 21.69 8.79
N VAL B 286 -4.31 21.73 9.55
CA VAL B 286 -3.49 22.93 9.61
C VAL B 286 -2.91 23.24 8.24
N SER B 287 -2.22 22.29 7.65
CA SER B 287 -1.56 22.51 6.38
C SER B 287 -1.52 21.22 5.59
N TRP B 288 -1.31 21.34 4.29
CA TRP B 288 -1.21 20.16 3.44
C TRP B 288 -0.27 20.45 2.29
N GLN B 289 0.58 19.47 1.96
CA GLN B 289 1.57 19.66 0.91
C GLN B 289 1.80 18.35 0.19
N GLN B 290 2.20 18.44 -1.07
CA GLN B 290 2.46 17.29 -1.92
C GLN B 290 3.96 17.09 -2.06
N GLN B 291 4.42 15.87 -1.77
CA GLN B 291 5.79 15.48 -2.06
C GLN B 291 5.85 14.84 -3.45
N GLY B 292 7.04 14.34 -3.81
CA GLY B 292 7.18 13.65 -5.08
C GLY B 292 6.45 12.32 -5.10
N VAL B 293 6.36 11.64 -3.96
CA VAL B 293 5.74 10.33 -3.89
C VAL B 293 4.30 10.42 -3.38
N GLY B 294 4.06 11.27 -2.38
CA GLY B 294 2.73 11.36 -1.80
C GLY B 294 2.59 12.64 -1.00
N ALA B 295 1.53 12.70 -0.23
CA ALA B 295 1.17 13.90 0.50
C ALA B 295 1.59 13.82 1.97
N VAL B 296 1.82 14.98 2.56
CA VAL B 296 2.04 15.10 3.99
C VAL B 296 1.22 16.28 4.49
N ALA B 297 0.52 16.09 5.61
CA ALA B 297 -0.37 17.09 6.15
C ALA B 297 -0.08 17.30 7.62
N HIS B 298 -0.35 18.51 8.08
CA HIS B 298 -0.25 18.86 9.50
C HIS B 298 -1.66 19.10 10.02
N ILE B 299 -2.01 18.42 11.12
CA ILE B 299 -3.36 18.43 11.67
C ILE B 299 -3.30 18.66 13.17
N ARG B 300 -4.36 19.24 13.72
CA ARG B 300 -4.56 19.33 15.16
C ARG B 300 -5.72 18.44 15.57
N LEU B 301 -5.61 17.81 16.73
CA LEU B 301 -6.61 16.88 17.23
C LEU B 301 -7.21 17.48 18.51
N ALA B 302 -8.11 18.45 18.34
CA ALA B 302 -8.80 19.05 19.47
C ALA B 302 -9.91 18.12 19.96
N SER B 303 -9.51 16.90 20.32
CA SER B 303 -10.40 15.86 20.81
C SER B 303 -9.89 15.39 22.17
N GLU B 304 -10.06 16.25 23.17
CA GLU B 304 -9.45 16.08 24.49
C GLU B 304 -7.95 15.82 24.34
N LEU B 305 -7.28 16.87 23.85
CA LEU B 305 -5.87 16.84 23.47
C LEU B 305 -4.96 16.68 24.70
N ALA B 306 -5.07 15.54 25.38
CA ALA B 306 -4.23 15.22 26.52
C ALA B 306 -3.33 14.03 26.23
N THR B 307 -3.90 12.84 25.98
CA THR B 307 -3.09 11.74 25.48
C THR B 307 -2.57 12.04 24.08
N ALA B 308 -3.32 12.82 23.30
CA ALA B 308 -2.80 13.39 22.07
C ALA B 308 -1.78 14.47 22.40
N GLN B 309 -0.68 14.50 21.66
CA GLN B 309 0.45 15.35 22.04
C GLN B 309 0.26 16.79 21.58
N GLY B 310 -0.35 17.00 20.42
CA GLY B 310 -0.50 18.31 19.85
C GLY B 310 -0.68 18.24 18.35
N PRO B 311 -0.03 19.15 17.62
CA PRO B 311 -0.10 19.10 16.15
C PRO B 311 0.61 17.87 15.59
N ARG B 312 -0.16 16.91 15.09
CA ARG B 312 0.39 15.69 14.52
C ARG B 312 0.61 15.85 13.03
N VAL B 313 1.47 14.98 12.49
CA VAL B 313 1.79 14.93 11.08
C VAL B 313 1.21 13.64 10.51
N MET B 314 0.38 13.78 9.47
CA MET B 314 -0.32 12.67 8.82
C MET B 314 0.25 12.49 7.42
N ARG B 315 0.81 11.32 7.15
CA ARG B 315 1.34 11.01 5.83
C ARG B 315 0.31 10.23 5.03
N LEU B 316 0.10 10.61 3.78
CA LEU B 316 -0.83 9.92 2.90
C LEU B 316 -0.10 9.55 1.60
N SER B 317 -0.52 8.45 1.00
CA SER B 317 0.01 8.02 -0.28
C SER B 317 -0.85 8.49 -1.45
N VAL B 318 -1.90 9.24 -1.19
CA VAL B 318 -2.81 9.73 -2.24
C VAL B 318 -2.74 11.25 -2.28
N PRO B 319 -2.77 11.86 -3.46
CA PRO B 319 -2.63 13.31 -3.56
C PRO B 319 -3.95 14.03 -3.31
N GLY B 320 -3.85 15.35 -3.12
CA GLY B 320 -5.03 16.17 -2.96
C GLY B 320 -5.34 16.53 -1.53
N ARG B 321 -5.76 17.77 -1.30
CA ARG B 321 -6.15 18.21 0.03
C ARG B 321 -7.46 17.55 0.47
N HIS B 322 -8.37 17.31 -0.48
CA HIS B 322 -9.63 16.65 -0.16
C HIS B 322 -9.42 15.23 0.33
N MET B 323 -8.36 14.56 -0.14
CA MET B 323 -8.02 13.25 0.40
C MET B 323 -7.61 13.36 1.87
N ALA B 324 -6.90 14.44 2.23
CA ALA B 324 -6.57 14.66 3.63
C ALA B 324 -7.83 14.91 4.46
N LEU B 325 -8.80 15.63 3.91
CA LEU B 325 -10.06 15.82 4.64
C LEU B 325 -10.80 14.50 4.86
N ASN B 326 -10.89 13.67 3.81
CA ASN B 326 -11.49 12.34 3.97
C ASN B 326 -10.75 11.52 5.01
N ALA B 327 -9.43 11.59 5.02
CA ALA B 327 -8.64 10.86 6.01
C ALA B 327 -8.91 11.38 7.43
N LEU B 328 -9.16 12.68 7.57
CA LEU B 328 -9.54 13.23 8.88
C LEU B 328 -10.86 12.65 9.35
N GLY B 329 -11.85 12.58 8.44
CA GLY B 329 -13.12 11.97 8.80
C GLY B 329 -12.96 10.53 9.23
N ALA B 330 -12.16 9.76 8.49
CA ALA B 330 -11.92 8.36 8.86
C ALA B 330 -11.20 8.26 10.20
N LEU B 331 -10.24 9.15 10.45
CA LEU B 331 -9.52 9.16 11.71
C LEU B 331 -10.45 9.39 12.89
N LEU B 332 -11.34 10.38 12.77
CA LEU B 332 -12.28 10.67 13.85
C LEU B 332 -13.23 9.51 14.08
N ALA B 333 -13.78 8.94 12.99
CA ALA B 333 -14.67 7.79 13.15
C ALA B 333 -13.96 6.63 13.84
N ALA B 334 -12.68 6.41 13.50
CA ALA B 334 -11.95 5.30 14.10
C ALA B 334 -11.65 5.56 15.58
N VAL B 335 -11.28 6.79 15.93
CA VAL B 335 -11.00 7.10 17.32
C VAL B 335 -12.26 7.00 18.18
N GLN B 336 -13.43 7.32 17.61
CA GLN B 336 -14.67 7.24 18.37
C GLN B 336 -14.96 5.84 18.91
N ILE B 337 -14.41 4.80 18.30
CA ILE B 337 -14.67 3.44 18.75
C ILE B 337 -13.53 2.87 19.59
N GLY B 338 -12.48 3.65 19.84
CA GLY B 338 -11.43 3.25 20.75
C GLY B 338 -10.11 2.90 20.12
N ALA B 339 -9.95 3.06 18.81
CA ALA B 339 -8.69 2.76 18.17
C ALA B 339 -7.68 3.86 18.48
N PRO B 340 -6.42 3.51 18.77
CA PRO B 340 -5.42 4.54 19.07
C PRO B 340 -5.16 5.41 17.85
N ALA B 341 -5.13 6.73 18.08
CA ALA B 341 -5.05 7.68 16.97
C ALA B 341 -3.74 7.53 16.20
N ASP B 342 -2.64 7.23 16.91
CA ASP B 342 -1.34 7.10 16.24
C ASP B 342 -1.32 5.87 15.34
N GLU B 343 -1.85 4.75 15.81
CA GLU B 343 -1.92 3.56 14.97
C GLU B 343 -2.88 3.76 13.81
N VAL B 344 -3.96 4.52 14.01
CA VAL B 344 -4.86 4.85 12.91
C VAL B 344 -4.13 5.67 11.85
N LEU B 345 -3.29 6.61 12.28
CA LEU B 345 -2.50 7.38 11.33
C LEU B 345 -1.54 6.48 10.57
N ASP B 346 -0.91 5.53 11.27
CA ASP B 346 -0.06 4.55 10.59
C ASP B 346 -0.85 3.80 9.52
N GLY B 347 -2.08 3.39 9.84
CA GLY B 347 -2.89 2.69 8.86
C GLY B 347 -3.27 3.56 7.68
N LEU B 348 -3.68 4.80 7.94
CA LEU B 348 -4.06 5.72 6.88
C LEU B 348 -2.88 6.01 5.95
N ALA B 349 -1.66 5.97 6.48
CA ALA B 349 -0.49 6.16 5.61
C ALA B 349 -0.38 5.04 4.58
N GLY B 350 -0.90 3.85 4.89
CA GLY B 350 -0.82 2.73 3.96
C GLY B 350 -1.96 2.63 2.96
N PHE B 351 -2.96 3.51 3.06
CA PHE B 351 -4.05 3.50 2.09
C PHE B 351 -3.53 3.78 0.70
N GLU B 352 -3.90 2.93 -0.25
CA GLU B 352 -3.36 2.99 -1.61
C GLU B 352 -4.26 3.73 -2.59
N GLY B 353 -5.47 4.10 -2.19
CA GLY B 353 -6.43 4.65 -3.12
C GLY B 353 -7.36 3.59 -3.70
N VAL B 354 -8.45 4.04 -4.28
CA VAL B 354 -9.42 3.14 -4.89
C VAL B 354 -9.43 3.39 -6.39
N ARG B 355 -9.98 2.40 -7.11
CA ARG B 355 -10.07 2.52 -8.57
C ARG B 355 -10.89 3.75 -8.94
N ARG B 356 -10.43 4.45 -9.99
CA ARG B 356 -11.09 5.61 -10.57
C ARG B 356 -11.12 6.81 -9.64
N ARG B 357 -10.21 6.86 -8.67
CA ARG B 357 -10.00 8.05 -7.83
C ARG B 357 -8.58 8.53 -8.08
N PHE B 358 -8.42 9.44 -9.02
CA PHE B 358 -7.11 9.91 -9.50
C PHE B 358 -6.12 8.75 -9.59
N GLU B 359 -6.56 7.69 -10.28
CA GLU B 359 -5.81 6.45 -10.36
C GLU B 359 -4.84 6.51 -11.53
N LEU B 360 -3.56 6.27 -11.26
CA LEU B 360 -2.56 6.21 -12.32
C LEU B 360 -2.86 5.07 -13.27
N VAL B 361 -3.26 5.39 -14.49
CA VAL B 361 -3.41 4.34 -15.49
C VAL B 361 -2.06 3.92 -16.01
N GLY B 362 -1.17 4.89 -16.26
CA GLY B 362 0.16 4.48 -16.68
C GLY B 362 1.00 5.67 -17.10
N THR B 363 2.25 5.35 -17.44
CA THR B 363 3.25 6.33 -17.78
C THR B 363 3.87 5.99 -19.13
N CYS B 364 4.14 7.01 -19.93
CA CYS B 364 4.87 6.89 -21.18
C CYS B 364 6.14 7.74 -21.07
N GLY B 365 7.29 7.14 -21.36
CA GLY B 365 8.54 7.82 -21.15
C GLY B 365 9.00 7.71 -19.70
N VAL B 366 9.95 8.57 -19.35
CA VAL B 366 10.58 8.51 -18.04
C VAL B 366 11.03 9.91 -17.64
N GLY B 367 10.81 10.25 -16.37
CA GLY B 367 11.35 11.47 -15.81
C GLY B 367 10.48 12.69 -16.09
N LYS B 368 11.14 13.84 -16.08
CA LYS B 368 10.46 15.11 -16.33
C LYS B 368 9.83 15.14 -17.71
N ALA B 369 10.33 14.33 -18.64
CA ALA B 369 9.81 14.26 -19.98
C ALA B 369 8.65 13.28 -20.14
N SER B 370 8.25 12.60 -19.06
CA SER B 370 7.23 11.57 -19.19
C SER B 370 5.83 12.18 -19.28
N VAL B 371 4.92 11.40 -19.83
CA VAL B 371 3.50 11.74 -19.89
C VAL B 371 2.75 10.70 -19.08
N ARG B 372 1.99 11.16 -18.09
CA ARG B 372 1.26 10.26 -17.20
C ARG B 372 -0.24 10.38 -17.42
N VAL B 373 -0.92 9.25 -17.41
CA VAL B 373 -2.36 9.17 -17.64
C VAL B 373 -3.02 8.65 -16.36
N PHE B 374 -3.95 9.46 -15.84
CA PHE B 374 -4.75 9.19 -14.65
C PHE B 374 -6.23 9.08 -15.03
N ASP B 375 -6.98 8.36 -14.20
CA ASP B 375 -8.41 8.15 -14.39
C ASP B 375 -9.15 8.58 -13.13
N ASP B 376 -10.24 9.32 -13.30
CA ASP B 376 -11.01 9.79 -12.15
C ASP B 376 -12.50 9.79 -12.47
N TYR B 377 -13.30 9.58 -11.42
CA TYR B 377 -14.75 9.46 -11.51
C TYR B 377 -15.49 10.78 -11.38
N ALA B 378 -14.77 11.89 -11.15
CA ALA B 378 -15.41 13.17 -10.82
C ALA B 378 -16.51 13.54 -11.81
N HIS B 379 -17.68 13.87 -11.26
CA HIS B 379 -18.79 14.33 -12.08
C HIS B 379 -19.60 15.44 -11.43
N HIS B 380 -19.23 15.89 -10.23
CA HIS B 380 -19.76 17.09 -9.61
C HIS B 380 -18.73 18.20 -9.72
N PRO B 381 -19.18 19.46 -9.87
CA PRO B 381 -18.21 20.56 -10.01
C PRO B 381 -17.17 20.61 -8.89
N THR B 382 -17.61 20.40 -7.65
CA THR B 382 -16.67 20.32 -6.53
C THR B 382 -15.64 19.22 -6.74
N GLU B 383 -16.11 18.03 -7.12
CA GLU B 383 -15.22 16.90 -7.42
C GLU B 383 -14.21 17.28 -8.50
N ILE B 384 -14.70 17.90 -9.58
CA ILE B 384 -13.82 18.22 -10.71
C ILE B 384 -12.75 19.20 -10.29
N SER B 385 -13.13 20.23 -9.53
CA SER B 385 -12.16 21.21 -9.05
C SER B 385 -11.13 20.54 -8.13
N ALA B 386 -11.58 19.62 -7.28
CA ALA B 386 -10.64 18.95 -6.39
C ALA B 386 -9.65 18.07 -7.17
N THR B 387 -10.14 17.34 -8.17
CA THR B 387 -9.26 16.49 -8.96
C THR B 387 -8.28 17.34 -9.76
N LEU B 388 -8.73 18.46 -10.32
CA LEU B 388 -7.80 19.31 -11.06
C LEU B 388 -6.78 19.97 -10.14
N ALA B 389 -7.17 20.28 -8.89
CA ALA B 389 -6.20 20.81 -7.94
C ALA B 389 -5.13 19.76 -7.60
N ALA B 390 -5.55 18.52 -7.37
CA ALA B 390 -4.58 17.46 -7.13
C ALA B 390 -3.67 17.25 -8.34
N ALA B 391 -4.24 17.30 -9.54
CA ALA B 391 -3.44 17.16 -10.76
C ALA B 391 -2.42 18.29 -10.87
N ARG B 392 -2.82 19.52 -10.54
CA ARG B 392 -1.89 20.65 -10.59
C ARG B 392 -0.77 20.47 -9.56
N MET B 393 -1.10 19.97 -8.37
CA MET B 393 -0.08 19.69 -7.37
C MET B 393 0.93 18.66 -7.88
N VAL B 394 0.43 17.58 -8.50
CA VAL B 394 1.34 16.59 -9.08
C VAL B 394 2.19 17.22 -10.18
N LEU B 395 1.59 18.11 -10.97
CA LEU B 395 2.31 18.79 -12.04
C LEU B 395 3.45 19.65 -11.52
N GLU B 396 3.26 20.27 -10.35
CA GLU B 396 4.30 21.13 -9.78
C GLU B 396 5.58 20.38 -9.44
N GLN B 397 5.51 19.07 -9.18
CA GLN B 397 6.73 18.33 -8.84
C GLN B 397 7.67 18.24 -10.02
N GLY B 398 7.15 18.32 -11.24
CA GLY B 398 7.97 18.28 -12.44
C GLY B 398 8.56 19.63 -12.77
N ASP B 399 9.10 19.72 -13.99
CA ASP B 399 9.77 20.92 -14.48
C ASP B 399 9.14 21.36 -15.80
N GLY B 400 7.82 21.43 -15.83
CA GLY B 400 7.10 21.76 -17.05
C GLY B 400 6.03 20.74 -17.37
N GLY B 401 5.08 21.12 -18.20
CA GLY B 401 3.99 20.24 -18.55
C GLY B 401 2.64 20.86 -18.26
N ARG B 402 1.61 20.36 -18.93
CA ARG B 402 0.27 20.93 -18.84
C ARG B 402 -0.69 19.92 -18.23
N CYS B 403 -1.80 20.45 -17.71
CA CYS B 403 -2.93 19.64 -17.26
C CYS B 403 -3.92 19.56 -18.41
N MET B 404 -4.05 18.36 -18.99
CA MET B 404 -5.06 18.07 -20.00
C MET B 404 -6.11 17.17 -19.37
N VAL B 405 -7.37 17.59 -19.44
CA VAL B 405 -8.49 16.82 -18.93
C VAL B 405 -9.33 16.35 -20.10
N VAL B 406 -9.77 15.10 -20.02
CA VAL B 406 -10.74 14.52 -20.96
C VAL B 406 -12.01 14.26 -20.16
N PHE B 407 -13.01 15.12 -20.35
CA PHE B 407 -14.19 15.15 -19.50
C PHE B 407 -15.40 14.64 -20.26
N GLN B 408 -16.08 13.65 -19.69
CA GLN B 408 -17.32 13.12 -20.24
C GLN B 408 -18.48 13.50 -19.32
N PRO B 409 -19.34 14.44 -19.71
CA PRO B 409 -20.51 14.77 -18.88
C PRO B 409 -21.36 13.54 -18.62
N HIS B 410 -22.03 13.53 -17.47
CA HIS B 410 -22.56 12.27 -16.95
C HIS B 410 -24.04 12.03 -17.26
N LEU B 411 -24.90 13.05 -17.24
CA LEU B 411 -26.31 12.80 -17.48
C LEU B 411 -26.92 13.99 -18.23
N TYR B 412 -27.94 13.71 -19.03
CA TYR B 412 -28.62 14.78 -19.76
C TYR B 412 -29.20 15.81 -18.79
N SER B 413 -29.93 15.35 -17.78
CA SER B 413 -30.53 16.25 -16.81
C SER B 413 -29.47 17.03 -16.03
N ARG B 414 -28.46 16.32 -15.52
CA ARG B 414 -27.41 16.99 -14.76
C ARG B 414 -26.61 17.94 -15.63
N THR B 415 -26.34 17.56 -16.88
CA THR B 415 -25.63 18.46 -17.78
C THR B 415 -26.44 19.72 -18.05
N LYS B 416 -27.74 19.57 -18.34
CA LYS B 416 -28.58 20.74 -18.56
C LYS B 416 -28.60 21.63 -17.33
N ALA B 417 -28.63 21.04 -16.14
CA ALA B 417 -28.75 21.86 -14.93
C ALA B 417 -27.43 22.54 -14.56
N PHE B 418 -26.30 21.85 -14.77
CA PHE B 418 -25.01 22.29 -14.25
C PHE B 418 -23.95 22.55 -15.33
N ALA B 419 -24.35 22.82 -16.57
CA ALA B 419 -23.36 23.00 -17.64
C ALA B 419 -22.38 24.14 -17.32
N ALA B 420 -22.90 25.27 -16.81
CA ALA B 420 -22.03 26.40 -16.51
C ALA B 420 -21.06 26.09 -15.38
N GLU B 421 -21.54 25.41 -14.33
CA GLU B 421 -20.66 25.01 -13.24
C GLU B 421 -19.61 24.02 -13.71
N PHE B 422 -19.99 23.09 -14.59
CA PHE B 422 -19.03 22.15 -15.15
C PHE B 422 -17.91 22.89 -15.88
N GLY B 423 -18.28 23.81 -16.78
CA GLY B 423 -17.26 24.55 -17.51
C GLY B 423 -16.40 25.40 -16.61
N ARG B 424 -17.00 26.04 -15.62
CA ARG B 424 -16.24 26.85 -14.67
C ARG B 424 -15.23 26.00 -13.92
N ALA B 425 -15.62 24.79 -13.50
CA ALA B 425 -14.68 23.90 -12.84
C ALA B 425 -13.58 23.43 -13.79
N LEU B 426 -13.93 23.15 -15.05
CA LEU B 426 -12.94 22.69 -16.01
C LEU B 426 -11.95 23.77 -16.39
N ASN B 427 -12.29 25.05 -16.18
CA ASN B 427 -11.36 26.12 -16.49
C ASN B 427 -10.06 26.06 -15.69
N ALA B 428 -9.97 25.18 -14.68
CA ALA B 428 -8.73 25.04 -13.92
C ALA B 428 -7.66 24.28 -14.69
N ALA B 429 -8.00 23.63 -15.78
CA ALA B 429 -7.05 22.87 -16.58
C ALA B 429 -6.37 23.77 -17.60
N ASP B 430 -5.30 23.24 -18.21
CA ASP B 430 -4.63 23.93 -19.30
C ASP B 430 -5.25 23.60 -20.65
N GLU B 431 -5.79 22.40 -20.83
CA GLU B 431 -6.48 22.06 -22.06
C GLU B 431 -7.58 21.06 -21.75
N VAL B 432 -8.75 21.28 -22.35
CA VAL B 432 -9.96 20.50 -22.03
C VAL B 432 -10.49 19.87 -23.30
N PHE B 433 -10.56 18.54 -23.31
CA PHE B 433 -11.32 17.80 -24.32
C PHE B 433 -12.65 17.45 -23.70
N VAL B 434 -13.74 17.87 -24.32
CA VAL B 434 -15.09 17.58 -23.84
C VAL B 434 -15.71 16.54 -24.77
N LEU B 435 -16.23 15.47 -24.19
CA LEU B 435 -16.92 14.43 -24.95
C LEU B 435 -18.42 14.66 -24.88
N ASP B 436 -19.16 13.84 -25.63
CA ASP B 436 -20.61 13.92 -25.57
C ASP B 436 -21.12 13.32 -24.27
N VAL B 437 -22.37 13.67 -23.93
CA VAL B 437 -22.99 13.19 -22.71
C VAL B 437 -23.10 11.67 -22.73
N TYR B 438 -22.76 11.05 -21.61
CA TYR B 438 -22.99 9.62 -21.39
C TYR B 438 -24.40 9.45 -20.85
N GLY B 439 -25.25 8.72 -21.58
CA GLY B 439 -26.67 8.70 -21.26
C GLY B 439 -26.97 7.98 -19.95
N ALA B 440 -26.43 6.77 -19.78
CA ALA B 440 -26.60 5.97 -18.56
C ALA B 440 -28.06 5.64 -18.29
N ARG B 441 -28.74 5.10 -19.31
CA ARG B 441 -30.13 4.66 -19.24
C ARG B 441 -31.12 5.79 -18.99
N GLU B 442 -30.68 7.04 -19.02
CA GLU B 442 -31.59 8.17 -18.90
C GLU B 442 -32.19 8.52 -20.26
N GLN B 443 -33.38 9.10 -20.23
CA GLN B 443 -34.02 9.52 -21.47
C GLN B 443 -33.34 10.79 -21.99
N PRO B 444 -32.94 10.82 -23.26
CA PRO B 444 -32.26 12.01 -23.78
C PRO B 444 -33.16 13.23 -23.79
N LEU B 445 -32.57 14.39 -23.54
CA LEU B 445 -33.26 15.67 -23.54
C LEU B 445 -32.87 16.48 -24.75
N ALA B 446 -33.84 17.14 -25.37
CA ALA B 446 -33.58 17.95 -26.55
C ALA B 446 -32.68 19.13 -26.21
N GLY B 447 -31.72 19.40 -27.09
CA GLY B 447 -30.84 20.54 -26.95
C GLY B 447 -29.64 20.34 -26.06
N VAL B 448 -29.45 19.16 -25.48
CA VAL B 448 -28.37 18.90 -24.53
C VAL B 448 -27.34 18.00 -25.20
N SER B 449 -26.09 18.45 -25.20
CA SER B 449 -24.97 17.62 -25.62
C SER B 449 -23.75 18.04 -24.80
N GLY B 450 -22.63 17.36 -25.03
CA GLY B 450 -21.38 17.78 -24.43
C GLY B 450 -20.99 19.19 -24.80
N ALA B 451 -21.48 19.70 -25.93
CA ALA B 451 -21.22 21.09 -26.29
C ALA B 451 -21.87 22.05 -25.32
N SER B 452 -22.96 21.62 -24.66
CA SER B 452 -23.57 22.45 -23.62
C SER B 452 -22.56 22.78 -22.53
N VAL B 453 -21.72 21.81 -22.17
CA VAL B 453 -20.62 22.08 -21.25
C VAL B 453 -19.50 22.84 -21.95
N ALA B 454 -19.13 22.41 -23.15
CA ALA B 454 -17.95 22.95 -23.82
C ALA B 454 -18.07 24.45 -24.08
N GLU B 455 -19.28 24.94 -24.37
CA GLU B 455 -19.45 26.35 -24.67
C GLU B 455 -19.24 27.23 -23.45
N HIS B 456 -19.18 26.65 -22.25
CA HIS B 456 -18.85 27.40 -21.04
C HIS B 456 -17.38 27.28 -20.65
N VAL B 457 -16.61 26.47 -21.36
CA VAL B 457 -15.17 26.33 -21.07
C VAL B 457 -14.44 27.49 -21.73
N THR B 458 -13.57 28.16 -20.98
CA THR B 458 -12.88 29.34 -21.45
C THR B 458 -11.40 29.12 -21.75
N VAL B 459 -10.79 28.06 -21.24
CA VAL B 459 -9.40 27.73 -21.55
C VAL B 459 -9.37 26.98 -22.88
N PRO B 460 -8.19 26.75 -23.49
CA PRO B 460 -8.15 25.98 -24.74
C PRO B 460 -8.93 24.68 -24.64
N MET B 461 -9.84 24.48 -25.60
CA MET B 461 -10.85 23.44 -25.49
C MET B 461 -11.12 22.86 -26.88
N ARG B 462 -11.45 21.57 -26.90
CA ARG B 462 -11.91 20.91 -28.11
C ARG B 462 -13.07 19.99 -27.78
N TYR B 463 -14.13 20.06 -28.58
CA TYR B 463 -15.28 19.17 -28.44
C TYR B 463 -15.08 17.97 -29.36
N VAL B 464 -15.07 16.78 -28.79
CA VAL B 464 -14.84 15.55 -29.54
C VAL B 464 -16.00 14.60 -29.31
N PRO B 465 -17.14 14.80 -29.97
CA PRO B 465 -18.27 13.88 -29.76
C PRO B 465 -18.03 12.48 -30.28
N ASP B 466 -17.10 12.29 -31.22
CA ASP B 466 -16.77 10.96 -31.72
C ASP B 466 -15.82 10.30 -30.73
N PHE B 467 -16.35 9.35 -29.95
CA PHE B 467 -15.57 8.68 -28.91
C PHE B 467 -14.32 8.03 -29.49
N SER B 468 -14.47 7.28 -30.58
CA SER B 468 -13.38 6.52 -31.19
C SER B 468 -12.25 7.41 -31.72
N ALA B 469 -12.48 8.71 -31.87
CA ALA B 469 -11.41 9.61 -32.32
C ALA B 469 -10.67 10.27 -31.17
N VAL B 470 -11.11 10.08 -29.92
CA VAL B 470 -10.58 10.87 -28.81
C VAL B 470 -9.10 10.56 -28.58
N ALA B 471 -8.79 9.29 -28.34
CA ALA B 471 -7.45 8.89 -27.91
C ALA B 471 -6.36 9.47 -28.82
N GLN B 472 -6.43 9.14 -30.11
CA GLN B 472 -5.47 9.66 -31.08
C GLN B 472 -5.35 11.18 -30.96
N GLN B 473 -6.47 11.88 -30.96
CA GLN B 473 -6.41 13.34 -30.85
C GLN B 473 -5.64 13.74 -29.60
N VAL B 474 -6.01 13.17 -28.45
CA VAL B 474 -5.32 13.50 -27.21
C VAL B 474 -3.83 13.21 -27.35
N ALA B 475 -3.50 12.04 -27.93
CA ALA B 475 -2.09 11.68 -28.06
C ALA B 475 -1.36 12.65 -28.97
N ALA B 476 -2.05 13.19 -29.98
CA ALA B 476 -1.38 14.13 -30.87
C ALA B 476 -1.14 15.46 -30.19
N ALA B 477 -1.94 15.79 -29.17
CA ALA B 477 -1.80 17.07 -28.48
C ALA B 477 -0.86 17.00 -27.29
N ALA B 478 -0.34 15.82 -26.97
CA ALA B 478 0.47 15.66 -25.77
C ALA B 478 1.91 16.12 -26.00
N SER B 479 2.48 16.70 -24.96
CA SER B 479 3.87 17.14 -24.90
C SER B 479 4.54 16.49 -23.70
N PRO B 480 5.86 16.38 -23.71
CA PRO B 480 6.56 15.83 -22.54
C PRO B 480 6.26 16.64 -21.29
N GLY B 481 6.08 15.92 -20.18
CA GLY B 481 5.71 16.55 -18.92
C GLY B 481 4.24 16.64 -18.65
N ASP B 482 3.38 16.33 -19.63
CA ASP B 482 1.94 16.50 -19.45
C ASP B 482 1.38 15.48 -18.46
N VAL B 483 0.34 15.91 -17.77
CA VAL B 483 -0.49 15.03 -16.95
C VAL B 483 -1.88 15.02 -17.58
N ILE B 484 -2.38 13.83 -17.91
CA ILE B 484 -3.64 13.66 -18.63
C ILE B 484 -4.62 12.92 -17.72
N VAL B 485 -5.80 13.48 -17.52
CA VAL B 485 -6.81 12.93 -16.63
C VAL B 485 -8.05 12.62 -17.45
N THR B 486 -8.41 11.34 -17.52
CA THR B 486 -9.72 10.94 -18.03
C THR B 486 -10.72 11.06 -16.89
N MET B 487 -11.77 11.85 -17.09
CA MET B 487 -12.64 12.26 -16.00
C MET B 487 -14.09 12.07 -16.40
N GLY B 488 -14.89 11.49 -15.51
CA GLY B 488 -16.28 11.20 -15.80
C GLY B 488 -16.75 9.88 -15.22
N ALA B 489 -18.07 9.70 -15.13
CA ALA B 489 -18.61 8.51 -14.49
C ALA B 489 -18.94 7.39 -15.46
N GLY B 490 -18.84 7.63 -16.76
CA GLY B 490 -19.26 6.64 -17.74
C GLY B 490 -18.14 6.00 -18.52
N ASP B 491 -18.31 5.95 -19.85
CA ASP B 491 -17.39 5.28 -20.76
C ASP B 491 -15.96 5.80 -20.68
N VAL B 492 -15.77 7.03 -20.19
CA VAL B 492 -14.49 7.73 -20.36
C VAL B 492 -13.33 6.93 -19.77
N THR B 493 -13.59 6.10 -18.76
CA THR B 493 -12.52 5.34 -18.12
C THR B 493 -11.81 4.39 -19.10
N LEU B 494 -12.45 4.06 -20.23
CA LEU B 494 -11.81 3.18 -21.21
C LEU B 494 -10.76 3.90 -22.05
N LEU B 495 -10.75 5.24 -22.07
CA LEU B 495 -9.84 5.94 -22.95
C LEU B 495 -8.41 5.97 -22.43
N GLY B 496 -8.19 5.78 -21.13
CA GLY B 496 -6.88 5.89 -20.53
C GLY B 496 -5.85 4.96 -21.13
N PRO B 497 -6.13 3.66 -21.16
CA PRO B 497 -5.20 2.73 -21.83
C PRO B 497 -4.95 3.07 -23.28
N GLU B 498 -6.02 3.33 -24.05
CA GLU B 498 -5.87 3.64 -25.47
C GLU B 498 -4.95 4.83 -25.68
N ILE B 499 -5.21 5.93 -24.96
CA ILE B 499 -4.32 7.09 -25.00
C ILE B 499 -2.87 6.66 -24.83
N LEU B 500 -2.59 5.87 -23.78
CA LEU B 500 -1.22 5.39 -23.56
C LEU B 500 -0.70 4.66 -24.80
N THR B 501 -1.49 3.72 -25.32
CA THR B 501 -1.10 3.03 -26.54
C THR B 501 -0.72 4.03 -27.62
N ALA B 502 -1.59 5.01 -27.87
CA ALA B 502 -1.32 5.96 -28.93
C ALA B 502 -0.03 6.72 -28.64
N LEU B 503 0.19 7.11 -27.38
CA LEU B 503 1.42 7.78 -27.02
C LEU B 503 2.64 6.93 -27.38
N ARG B 504 2.58 5.63 -27.05
CA ARG B 504 3.69 4.76 -27.37
C ARG B 504 3.90 4.67 -28.88
N VAL B 505 2.82 4.75 -29.65
CA VAL B 505 2.97 4.71 -31.10
C VAL B 505 3.57 6.02 -31.59
N ARG B 506 3.23 7.14 -30.94
CA ARG B 506 3.75 8.42 -31.38
C ARG B 506 5.22 8.58 -31.03
N ALA B 507 5.70 7.86 -30.01
CA ALA B 507 7.11 7.91 -29.64
C ALA B 507 7.95 7.14 -30.65
N ASN B 508 8.01 7.64 -31.88
CA ASN B 508 8.81 7.04 -32.93
C ASN B 508 9.61 8.11 -33.68
#